data_6MFU
#
_entry.id   6MFU
#
_cell.length_a   58.670
_cell.length_b   99.150
_cell.length_c   90.050
_cell.angle_alpha   90.000
_cell.angle_beta   91.230
_cell.angle_gamma   90.000
#
_symmetry.space_group_name_H-M   'P 1 21 1'
#
loop_
_entity.id
_entity.type
_entity.pdbx_description
1 polymer 'Guanylate kinase'
2 non-polymer "GUANOSINE-5'-MONOPHOSPHATE"
3 non-polymer "ADENOSINE-5'-DIPHOSPHATE"
4 water water
#
_entity_poly.entity_id   1
_entity_poly.type   'polypeptide(L)'
_entity_poly.pdbx_seq_one_letter_code
;MAHHHHHHMSRPINPDVVNRPLVICGPSGTGKSTLLKTLFESQPNTFGFSVSHTTRKPRPGEENGREYHFVTKEEFMEGV
GKGEFLEWAEFGGNCYGTTFAALTALHPRRCILDIELQGVLQLKAKAPLQTPPLEPVFLFLSPPSISQLKSRLSGRGTET
DASIRKRLDAAKEELRYAKEGKYDVYVVNDDLKVAGEKLEKVAMGWEGWKTCGDTLPELNLAELD
;
_entity_poly.pdbx_strand_id   A,B,C,D
#
# COMPACT_ATOMS: atom_id res chain seq x y z
N SER A 10 36.23 1.69 13.83
CA SER A 10 35.20 2.66 13.47
C SER A 10 33.99 2.51 14.39
N ARG A 11 32.94 3.30 14.12
CA ARG A 11 31.72 3.21 14.92
C ARG A 11 31.05 1.86 14.70
N PRO A 12 30.27 1.39 15.67
CA PRO A 12 29.56 0.12 15.50
C PRO A 12 28.47 0.24 14.44
N ILE A 13 27.97 -0.93 14.03
CA ILE A 13 26.83 -0.95 13.12
C ILE A 13 25.63 -0.30 13.80
N ASN A 14 24.85 0.42 13.00
CA ASN A 14 23.64 1.07 13.50
C ASN A 14 22.62 0.00 13.90
N PRO A 15 22.19 -0.06 15.16
CA PRO A 15 21.18 -1.06 15.55
C PRO A 15 19.94 -1.03 14.67
N ASP A 16 19.63 0.12 14.07
CA ASP A 16 18.42 0.25 13.29
C ASP A 16 18.49 -0.47 11.96
N VAL A 17 19.66 -0.92 11.53
CA VAL A 17 19.75 -1.63 10.26
C VAL A 17 20.15 -3.09 10.45
N VAL A 18 20.52 -3.51 11.65
CA VAL A 18 21.00 -4.88 11.88
CA VAL A 18 21.04 -4.87 11.79
C VAL A 18 20.00 -5.90 11.38
N ASN A 19 18.71 -5.63 11.61
CA ASN A 19 17.69 -6.61 11.27
C ASN A 19 16.99 -6.28 9.96
N ARG A 20 17.61 -5.42 9.14
CA ARG A 20 17.10 -5.06 7.82
C ARG A 20 18.06 -5.63 6.78
N PRO A 21 17.78 -6.79 6.20
CA PRO A 21 18.73 -7.38 5.25
C PRO A 21 19.07 -6.39 4.14
N LEU A 22 20.36 -6.32 3.80
CA LEU A 22 20.83 -5.50 2.69
C LEU A 22 20.89 -6.38 1.45
N VAL A 23 20.08 -6.05 0.46
CA VAL A 23 19.96 -6.85 -0.75
C VAL A 23 20.65 -6.06 -1.84
N ILE A 24 21.72 -6.62 -2.40
CA ILE A 24 22.53 -5.95 -3.42
CA ILE A 24 22.50 -5.93 -3.42
C ILE A 24 22.25 -6.62 -4.76
N CYS A 25 21.96 -5.82 -5.78
CA CYS A 25 21.60 -6.30 -7.10
CA CYS A 25 21.74 -6.38 -7.10
C CYS A 25 22.33 -5.46 -8.14
N GLY A 26 22.56 -6.01 -9.32
CA GLY A 26 23.12 -5.21 -10.37
C GLY A 26 23.56 -6.12 -11.50
N PRO A 27 23.79 -5.54 -12.67
CA PRO A 27 24.17 -6.35 -13.84
C PRO A 27 25.42 -7.17 -13.58
N SER A 28 25.45 -8.37 -14.16
CA SER A 28 26.60 -9.24 -14.00
C SER A 28 27.86 -8.55 -14.55
N GLY A 29 28.94 -8.57 -13.76
CA GLY A 29 30.17 -7.90 -14.13
C GLY A 29 30.33 -6.50 -13.57
N THR A 30 29.31 -5.97 -12.89
CA THR A 30 29.41 -4.61 -12.38
C THR A 30 30.48 -4.50 -11.29
N GLY A 31 30.58 -5.51 -10.43
CA GLY A 31 31.55 -5.48 -9.35
C GLY A 31 31.00 -5.81 -7.96
N LYS A 32 29.84 -6.48 -7.91
CA LYS A 32 29.21 -6.83 -6.63
C LYS A 32 30.15 -7.66 -5.76
N SER A 33 30.66 -8.77 -6.29
CA SER A 33 31.52 -9.63 -5.48
CA SER A 33 31.53 -9.64 -5.50
C SER A 33 32.79 -8.90 -5.07
N THR A 34 33.38 -8.12 -5.98
CA THR A 34 34.58 -7.37 -5.66
C THR A 34 34.35 -6.43 -4.48
N LEU A 35 33.25 -5.67 -4.52
CA LEU A 35 33.00 -4.71 -3.45
C LEU A 35 32.65 -5.42 -2.14
N LEU A 36 31.87 -6.50 -2.22
CA LEU A 36 31.49 -7.21 -1.00
C LEU A 36 32.70 -7.82 -0.31
N LYS A 37 33.64 -8.36 -1.09
CA LYS A 37 34.82 -8.92 -0.46
C LYS A 37 35.56 -7.85 0.35
N THR A 38 35.66 -6.65 -0.18
CA THR A 38 36.34 -5.58 0.56
C THR A 38 35.52 -5.15 1.77
N LEU A 39 34.20 -5.09 1.63
CA LEU A 39 33.37 -4.72 2.77
C LEU A 39 33.59 -5.68 3.95
N PHE A 40 33.58 -6.98 3.67
CA PHE A 40 33.71 -7.96 4.74
CA PHE A 40 33.71 -7.96 4.74
C PHE A 40 35.10 -7.94 5.37
N GLU A 41 36.14 -7.62 4.61
CA GLU A 41 37.46 -7.47 5.19
CA GLU A 41 37.43 -7.51 5.25
C GLU A 41 37.54 -6.21 6.05
N SER A 42 36.83 -5.16 5.65
CA SER A 42 36.86 -3.90 6.40
CA SER A 42 36.91 -3.93 6.43
C SER A 42 36.07 -3.98 7.70
N GLN A 43 35.04 -4.82 7.74
CA GLN A 43 34.14 -4.92 8.91
C GLN A 43 33.96 -6.38 9.26
N PRO A 44 34.98 -7.03 9.81
CA PRO A 44 34.84 -8.45 10.15
C PRO A 44 33.87 -8.64 11.32
N ASN A 45 33.30 -9.85 11.36
CA ASN A 45 32.37 -10.27 12.42
C ASN A 45 31.15 -9.37 12.54
N THR A 46 30.78 -8.67 11.48
CA THR A 46 29.63 -7.78 11.49
C THR A 46 28.51 -8.25 10.59
N PHE A 47 28.85 -8.78 9.42
CA PHE A 47 27.88 -9.13 8.39
C PHE A 47 27.82 -10.64 8.21
N GLY A 48 26.67 -11.11 7.78
CA GLY A 48 26.55 -12.49 7.34
C GLY A 48 26.24 -12.51 5.86
N PHE A 49 27.04 -13.22 5.08
CA PHE A 49 26.79 -13.32 3.65
C PHE A 49 25.88 -14.52 3.41
N SER A 50 24.69 -14.26 2.86
CA SER A 50 23.77 -15.34 2.54
C SER A 50 24.37 -16.23 1.45
N VAL A 51 24.52 -17.51 1.75
CA VAL A 51 25.06 -18.48 0.80
C VAL A 51 23.90 -19.08 0.01
N SER A 52 23.70 -18.56 -1.19
CA SER A 52 22.69 -19.05 -2.13
C SER A 52 23.02 -20.45 -2.62
N HIS A 53 21.97 -21.15 -3.05
CA HIS A 53 22.15 -22.33 -3.88
C HIS A 53 22.21 -21.92 -5.34
N THR A 54 23.02 -22.64 -6.12
CA THR A 54 22.99 -22.48 -7.57
C THR A 54 23.22 -23.81 -8.24
N THR A 55 22.69 -23.93 -9.47
CA THR A 55 22.99 -25.08 -10.32
C THR A 55 24.10 -24.80 -11.31
N ARG A 56 24.62 -23.56 -11.38
CA ARG A 56 25.77 -23.34 -12.25
C ARG A 56 27.02 -24.01 -11.66
N LYS A 57 28.02 -24.16 -12.50
CA LYS A 57 29.25 -24.80 -12.05
C LYS A 57 30.16 -23.79 -11.35
N PRO A 58 30.94 -24.24 -10.37
CA PRO A 58 31.88 -23.34 -9.70
C PRO A 58 32.92 -22.77 -10.65
N ARG A 59 33.27 -21.51 -10.39
CA ARG A 59 34.40 -20.84 -11.02
C ARG A 59 35.68 -21.21 -10.30
N PRO A 60 36.82 -21.05 -10.95
N PRO A 60 36.83 -21.02 -10.94
CA PRO A 60 38.10 -21.21 -10.26
CA PRO A 60 38.10 -21.50 -10.33
C PRO A 60 38.16 -20.32 -9.04
C PRO A 60 38.33 -21.00 -8.91
N GLY A 61 38.64 -20.88 -7.93
N GLY A 61 37.96 -19.76 -8.60
CA GLY A 61 38.73 -20.15 -6.69
CA GLY A 61 38.25 -19.22 -7.28
C GLY A 61 37.48 -20.22 -5.83
C GLY A 61 37.16 -19.41 -6.25
N GLU A 62 36.31 -20.42 -6.43
CA GLU A 62 35.11 -20.60 -5.61
C GLU A 62 35.19 -21.92 -4.85
N GLU A 63 34.55 -21.93 -3.67
CA GLU A 63 34.48 -23.11 -2.82
C GLU A 63 33.03 -23.40 -2.47
N ASN A 64 32.65 -24.68 -2.56
CA ASN A 64 31.30 -25.08 -2.18
C ASN A 64 31.06 -24.74 -0.71
N GLY A 65 29.93 -24.09 -0.43
CA GLY A 65 29.60 -23.66 0.91
C GLY A 65 30.06 -22.26 1.25
N ARG A 66 30.85 -21.62 0.40
CA ARG A 66 31.35 -20.27 0.65
C ARG A 66 30.61 -19.28 -0.24
N GLU A 67 30.88 -19.31 -1.54
CA GLU A 67 30.19 -18.39 -2.45
C GLU A 67 28.77 -18.85 -2.72
N TYR A 68 28.58 -20.17 -2.81
CA TYR A 68 27.33 -20.82 -3.16
C TYR A 68 27.33 -22.20 -2.54
N HIS A 69 26.12 -22.74 -2.37
CA HIS A 69 25.93 -24.18 -2.26
C HIS A 69 25.68 -24.66 -3.68
N PHE A 70 26.61 -25.42 -4.24
CA PHE A 70 26.50 -25.88 -5.62
C PHE A 70 25.77 -27.21 -5.65
N VAL A 71 24.63 -27.24 -6.35
CA VAL A 71 23.78 -28.42 -6.41
C VAL A 71 23.38 -28.71 -7.85
N THR A 72 22.80 -29.89 -8.04
CA THR A 72 22.25 -30.22 -9.35
C THR A 72 20.87 -29.60 -9.51
N LYS A 73 20.42 -29.56 -10.76
CA LYS A 73 19.10 -29.03 -11.07
C LYS A 73 18.02 -29.86 -10.37
N GLU A 74 18.18 -31.19 -10.35
CA GLU A 74 17.18 -32.01 -9.69
C GLU A 74 17.17 -31.77 -8.18
N GLU A 75 18.35 -31.63 -7.58
CA GLU A 75 18.42 -31.25 -6.17
C GLU A 75 17.76 -29.90 -5.91
N PHE A 76 18.04 -28.93 -6.78
CA PHE A 76 17.47 -27.61 -6.61
C PHE A 76 15.95 -27.67 -6.64
N MET A 77 15.39 -28.36 -7.63
CA MET A 77 13.94 -28.39 -7.77
C MET A 77 13.27 -29.18 -6.65
N GLU A 78 13.94 -30.20 -6.12
CA GLU A 78 13.44 -30.86 -4.92
C GLU A 78 13.35 -29.88 -3.76
N GLY A 79 14.41 -29.10 -3.55
CA GLY A 79 14.37 -28.09 -2.50
C GLY A 79 13.26 -27.09 -2.70
N VAL A 80 13.03 -26.67 -3.96
CA VAL A 80 11.94 -25.76 -4.25
C VAL A 80 10.61 -26.39 -3.85
N GLY A 81 10.37 -27.63 -4.28
CA GLY A 81 9.09 -28.27 -3.97
C GLY A 81 8.91 -28.50 -2.49
N LYS A 82 10.01 -28.71 -1.76
CA LYS A 82 9.92 -28.90 -0.32
CA LYS A 82 9.95 -28.89 -0.32
C LYS A 82 9.78 -27.58 0.44
N GLY A 83 9.73 -26.45 -0.25
CA GLY A 83 9.53 -25.20 0.44
C GLY A 83 10.77 -24.62 1.08
N GLU A 84 11.95 -25.03 0.64
CA GLU A 84 13.17 -24.59 1.28
C GLU A 84 13.59 -23.17 0.91
N PHE A 85 13.02 -22.59 -0.14
CA PHE A 85 13.52 -21.32 -0.65
C PHE A 85 12.64 -20.14 -0.27
N LEU A 86 13.29 -19.09 0.24
CA LEU A 86 12.65 -17.79 0.37
C LEU A 86 12.34 -17.22 -1.01
N GLU A 87 13.30 -17.27 -1.91
CA GLU A 87 13.11 -16.86 -3.28
C GLU A 87 14.05 -17.70 -4.14
N TRP A 88 13.70 -17.85 -5.42
CA TRP A 88 14.64 -18.43 -6.38
C TRP A 88 14.27 -17.92 -7.76
N ALA A 89 15.21 -18.03 -8.69
CA ALA A 89 14.90 -17.66 -10.06
C ALA A 89 15.91 -18.30 -10.99
N GLU A 90 15.64 -18.20 -12.29
CA GLU A 90 16.58 -18.66 -13.30
CA GLU A 90 16.58 -18.67 -13.30
C GLU A 90 17.27 -17.46 -13.92
N PHE A 91 18.57 -17.57 -14.12
CA PHE A 91 19.39 -16.48 -14.65
C PHE A 91 20.45 -17.11 -15.53
N GLY A 92 20.53 -16.69 -16.79
CA GLY A 92 21.56 -17.20 -17.67
C GLY A 92 21.52 -18.70 -17.85
N GLY A 93 20.34 -19.30 -17.73
CA GLY A 93 20.20 -20.72 -17.94
C GLY A 93 20.47 -21.58 -16.73
N ASN A 94 20.77 -20.99 -15.58
CA ASN A 94 20.96 -21.74 -14.34
C ASN A 94 20.02 -21.22 -13.27
N CYS A 95 19.81 -22.04 -12.24
CA CYS A 95 18.94 -21.62 -11.14
C CYS A 95 19.75 -21.11 -9.95
N TYR A 96 19.18 -20.13 -9.24
CA TYR A 96 19.81 -19.55 -8.07
C TYR A 96 18.72 -19.28 -7.05
N GLY A 97 19.04 -19.40 -5.77
CA GLY A 97 18.01 -19.07 -4.79
C GLY A 97 18.56 -18.97 -3.39
N THR A 98 17.80 -18.24 -2.56
CA THR A 98 18.10 -18.04 -1.15
C THR A 98 17.23 -18.99 -0.33
N THR A 99 17.85 -19.94 0.36
CA THR A 99 17.07 -20.79 1.25
C THR A 99 16.82 -20.09 2.59
N PHE A 100 15.71 -20.45 3.23
CA PHE A 100 15.47 -19.96 4.58
C PHE A 100 16.62 -20.34 5.50
N ALA A 101 17.16 -21.54 5.34
CA ALA A 101 18.23 -21.99 6.23
C ALA A 101 19.48 -21.12 6.09
N ALA A 102 19.75 -20.64 4.87
CA ALA A 102 20.93 -19.80 4.67
C ALA A 102 20.84 -18.50 5.46
N LEU A 103 19.63 -17.93 5.58
CA LEU A 103 19.51 -16.71 6.36
C LEU A 103 19.53 -16.99 7.86
N THR A 104 18.87 -18.07 8.28
CA THR A 104 18.89 -18.47 9.69
C THR A 104 20.33 -18.63 10.17
N ALA A 105 21.18 -19.17 9.29
CA ALA A 105 22.58 -19.41 9.63
C ALA A 105 23.34 -18.13 9.93
N LEU A 106 22.80 -16.96 9.56
CA LEU A 106 23.54 -15.71 9.74
C LEU A 106 23.22 -14.99 11.02
N HIS A 107 22.08 -15.28 11.66
CA HIS A 107 21.67 -14.51 12.82
CA HIS A 107 21.66 -14.53 12.83
C HIS A 107 22.72 -14.62 13.92
N PRO A 108 23.01 -13.52 14.64
CA PRO A 108 22.41 -12.19 14.62
C PRO A 108 23.09 -11.14 13.74
N ARG A 109 23.96 -11.56 12.84
CA ARG A 109 24.64 -10.61 11.97
CA ARG A 109 24.64 -10.61 11.97
C ARG A 109 23.64 -9.97 11.00
N ARG A 110 23.98 -8.78 10.52
CA ARG A 110 23.16 -8.22 9.45
C ARG A 110 23.33 -9.07 8.20
N CYS A 111 22.21 -9.51 7.64
CA CYS A 111 22.20 -10.34 6.45
C CYS A 111 22.51 -9.51 5.21
N ILE A 112 23.42 -10.01 4.37
CA ILE A 112 23.74 -9.42 3.08
CA ILE A 112 23.72 -9.42 3.08
C ILE A 112 23.41 -10.45 2.01
N LEU A 113 22.59 -10.07 1.04
CA LEU A 113 22.19 -10.93 -0.06
C LEU A 113 22.68 -10.34 -1.36
N ASP A 114 23.17 -11.19 -2.26
CA ASP A 114 23.56 -10.81 -3.61
C ASP A 114 22.63 -11.62 -4.51
N ILE A 115 21.59 -10.98 -5.06
CA ILE A 115 20.59 -11.65 -5.88
C ILE A 115 20.24 -10.76 -7.07
N GLU A 116 19.52 -11.34 -8.04
CA GLU A 116 19.15 -10.59 -9.23
C GLU A 116 17.70 -10.10 -9.16
N LEU A 117 17.25 -9.47 -10.25
CA LEU A 117 16.00 -8.71 -10.24
C LEU A 117 14.78 -9.57 -9.91
N GLN A 118 14.70 -10.77 -10.47
CA GLN A 118 13.53 -11.58 -10.17
C GLN A 118 13.42 -11.86 -8.70
N GLY A 119 14.57 -12.13 -8.06
CA GLY A 119 14.58 -12.31 -6.62
C GLY A 119 14.19 -11.05 -5.89
N VAL A 120 14.67 -9.89 -6.34
CA VAL A 120 14.29 -8.62 -5.74
C VAL A 120 12.78 -8.45 -5.79
N LEU A 121 12.18 -8.69 -6.96
CA LEU A 121 10.73 -8.52 -7.08
C LEU A 121 9.99 -9.48 -6.18
N GLN A 122 10.46 -10.73 -6.08
CA GLN A 122 9.84 -11.66 -5.16
C GLN A 122 9.94 -11.16 -3.73
N LEU A 123 11.12 -10.72 -3.31
CA LEU A 123 11.28 -10.27 -1.93
C LEU A 123 10.47 -9.02 -1.63
N LYS A 124 10.32 -8.12 -2.60
CA LYS A 124 9.48 -6.96 -2.32
C LYS A 124 8.05 -7.36 -2.00
N ALA A 125 7.56 -8.44 -2.61
CA ALA A 125 6.22 -8.91 -2.30
C ALA A 125 6.20 -9.78 -1.04
N LYS A 126 7.26 -10.55 -0.79
CA LYS A 126 7.25 -11.58 0.24
C LYS A 126 7.70 -11.07 1.60
N ALA A 127 8.67 -10.16 1.64
CA ALA A 127 9.18 -9.68 2.93
C ALA A 127 8.10 -9.11 3.83
N PRO A 128 7.16 -8.28 3.35
CA PRO A 128 6.12 -7.77 4.26
C PRO A 128 5.26 -8.87 4.87
N LEU A 129 5.21 -10.04 4.25
CA LEU A 129 4.34 -11.12 4.69
C LEU A 129 5.00 -12.06 5.69
N GLN A 130 6.29 -11.88 5.97
CA GLN A 130 6.93 -12.70 6.97
C GLN A 130 6.44 -12.30 8.36
N THR A 131 6.65 -13.19 9.32
CA THR A 131 6.32 -12.91 10.72
C THR A 131 7.59 -13.03 11.56
N PRO A 132 8.13 -11.92 12.07
CA PRO A 132 7.60 -10.57 11.82
C PRO A 132 7.96 -10.11 10.41
N PRO A 133 7.35 -9.02 9.94
CA PRO A 133 7.69 -8.51 8.61
C PRO A 133 9.18 -8.22 8.50
N LEU A 134 9.73 -8.57 7.35
CA LEU A 134 11.10 -8.25 7.01
C LEU A 134 11.11 -6.94 6.24
N GLU A 135 12.06 -6.05 6.58
CA GLU A 135 12.16 -4.73 5.94
C GLU A 135 13.53 -4.60 5.29
N PRO A 136 13.76 -5.22 4.14
CA PRO A 136 15.09 -5.12 3.52
C PRO A 136 15.39 -3.72 3.03
N VAL A 137 16.67 -3.48 2.78
CA VAL A 137 17.16 -2.32 2.06
C VAL A 137 17.66 -2.82 0.72
N PHE A 138 17.14 -2.28 -0.37
CA PHE A 138 17.51 -2.76 -1.71
C PHE A 138 18.47 -1.78 -2.34
N LEU A 139 19.69 -2.23 -2.60
CA LEU A 139 20.73 -1.40 -3.18
C LEU A 139 21.00 -1.88 -4.60
N PHE A 140 21.00 -0.94 -5.56
CA PHE A 140 21.36 -1.27 -6.94
C PHE A 140 22.77 -0.79 -7.20
N LEU A 141 23.62 -1.69 -7.67
CA LEU A 141 25.00 -1.37 -8.03
C LEU A 141 25.08 -1.26 -9.55
N SER A 142 25.43 -0.06 -10.05
CA SER A 142 25.41 0.24 -11.47
C SER A 142 26.82 0.34 -12.03
N PRO A 143 27.05 -0.15 -13.25
CA PRO A 143 28.28 0.21 -13.94
C PRO A 143 28.27 1.68 -14.32
N PRO A 144 29.42 2.30 -14.53
CA PRO A 144 29.43 3.70 -14.99
C PRO A 144 29.06 3.87 -16.45
N SER A 145 29.20 2.82 -17.26
CA SER A 145 28.91 2.87 -18.67
C SER A 145 28.67 1.44 -19.13
N ILE A 146 28.01 1.29 -20.27
CA ILE A 146 27.83 -0.03 -20.84
C ILE A 146 29.17 -0.60 -21.32
N SER A 147 30.03 0.26 -21.88
CA SER A 147 31.33 -0.22 -22.35
C SER A 147 32.15 -0.77 -21.20
N GLN A 148 32.10 -0.12 -20.03
CA GLN A 148 32.82 -0.64 -18.87
C GLN A 148 32.18 -1.91 -18.32
N LEU A 149 30.84 -2.02 -18.37
CA LEU A 149 30.23 -3.29 -17.99
C LEU A 149 30.76 -4.42 -18.85
N LYS A 150 30.77 -4.24 -20.17
CA LYS A 150 31.22 -5.29 -21.08
C LYS A 150 32.67 -5.66 -20.83
N SER A 151 33.53 -4.65 -20.61
CA SER A 151 34.96 -4.96 -20.44
C SER A 151 35.22 -5.63 -19.09
N ARG A 152 34.49 -5.25 -18.05
CA ARG A 152 34.62 -5.93 -16.76
C ARG A 152 34.16 -7.38 -16.86
N LEU A 153 33.01 -7.61 -17.49
CA LEU A 153 32.47 -8.95 -17.56
C LEU A 153 33.38 -9.88 -18.37
N SER A 154 33.87 -9.40 -19.52
CA SER A 154 34.81 -10.22 -20.29
C SER A 154 36.14 -10.35 -19.56
N GLY A 155 36.58 -9.28 -18.89
CA GLY A 155 37.88 -9.30 -18.23
C GLY A 155 37.96 -10.25 -17.06
N ARG A 156 36.83 -10.59 -16.43
CA ARG A 156 36.84 -11.58 -15.37
C ARG A 156 37.31 -12.93 -15.88
N GLY A 157 37.00 -13.27 -17.14
CA GLY A 157 37.56 -14.45 -17.77
C GLY A 157 36.99 -15.77 -17.31
N THR A 158 35.77 -15.78 -16.79
CA THR A 158 35.19 -17.00 -16.27
C THR A 158 33.96 -17.49 -17.04
N GLU A 159 33.44 -16.72 -17.98
CA GLU A 159 32.22 -17.10 -18.67
C GLU A 159 32.50 -17.42 -20.13
N THR A 160 31.71 -18.35 -20.66
CA THR A 160 31.71 -18.61 -22.09
C THR A 160 31.08 -17.43 -22.83
N ASP A 161 31.28 -17.40 -24.15
CA ASP A 161 30.67 -16.36 -24.95
C ASP A 161 29.15 -16.41 -24.88
N ALA A 162 28.59 -17.63 -24.86
CA ALA A 162 27.14 -17.76 -24.75
C ALA A 162 26.66 -17.25 -23.40
N SER A 163 27.41 -17.50 -22.33
CA SER A 163 27.03 -17.01 -21.01
C SER A 163 27.11 -15.49 -20.94
N ILE A 164 28.14 -14.90 -21.54
CA ILE A 164 28.27 -13.46 -21.58
C ILE A 164 27.08 -12.84 -22.30
N ARG A 165 26.66 -13.44 -23.42
CA ARG A 165 25.51 -12.93 -24.15
C ARG A 165 24.25 -12.94 -23.29
N LYS A 166 24.00 -14.05 -22.59
CA LYS A 166 22.82 -14.12 -21.72
C LYS A 166 22.90 -13.10 -20.61
N ARG A 167 24.09 -12.88 -20.06
CA ARG A 167 24.23 -11.95 -18.94
C ARG A 167 24.01 -10.51 -19.40
N LEU A 168 24.53 -10.15 -20.57
CA LEU A 168 24.32 -8.80 -21.09
C LEU A 168 22.85 -8.60 -21.46
N ASP A 169 22.20 -9.63 -22.01
CA ASP A 169 20.77 -9.50 -22.31
C ASP A 169 19.98 -9.29 -21.03
N ALA A 170 20.33 -10.03 -19.96
CA ALA A 170 19.68 -9.83 -18.67
C ALA A 170 19.88 -8.42 -18.15
N ALA A 171 21.01 -7.80 -18.47
CA ALA A 171 21.30 -6.47 -17.94
C ALA A 171 20.31 -5.45 -18.48
N LYS A 172 19.76 -5.67 -19.68
CA LYS A 172 18.75 -4.76 -20.22
C LYS A 172 17.55 -4.67 -19.28
N GLU A 173 16.98 -5.81 -18.89
CA GLU A 173 15.83 -5.80 -17.99
C GLU A 173 16.22 -5.24 -16.62
N GLU A 174 17.41 -5.61 -16.13
CA GLU A 174 17.86 -5.12 -14.83
C GLU A 174 17.98 -3.59 -14.82
N LEU A 175 18.54 -3.02 -15.89
CA LEU A 175 18.74 -1.57 -15.93
C LEU A 175 17.44 -0.83 -16.22
N ARG A 176 16.58 -1.41 -17.06
CA ARG A 176 15.25 -0.86 -17.27
C ARG A 176 14.50 -0.72 -15.95
N TYR A 177 14.51 -1.78 -15.13
CA TYR A 177 13.86 -1.68 -13.84
C TYR A 177 14.52 -0.64 -12.97
N ALA A 178 15.86 -0.64 -12.92
CA ALA A 178 16.58 0.30 -12.08
C ALA A 178 16.23 1.73 -12.43
N LYS A 179 16.01 2.01 -13.72
CA LYS A 179 15.69 3.37 -14.15
C LYS A 179 14.36 3.87 -13.59
N GLU A 180 13.51 2.97 -13.10
CA GLU A 180 12.25 3.38 -12.50
C GLU A 180 12.42 4.05 -11.14
N GLY A 181 13.60 3.99 -10.55
CA GLY A 181 13.86 4.73 -9.33
C GLY A 181 13.34 4.10 -8.06
N LYS A 182 13.07 2.79 -8.07
CA LYS A 182 12.44 2.15 -6.93
C LYS A 182 13.43 1.58 -5.93
N TYR A 183 14.72 1.48 -6.26
CA TYR A 183 15.66 1.00 -5.27
C TYR A 183 15.85 2.03 -4.16
N ASP A 184 16.24 1.54 -2.98
CA ASP A 184 16.43 2.43 -1.84
C ASP A 184 17.72 3.24 -1.98
N VAL A 185 18.76 2.63 -2.53
CA VAL A 185 20.05 3.29 -2.72
C VAL A 185 20.60 2.84 -4.06
N TYR A 186 21.20 3.79 -4.79
CA TYR A 186 21.95 3.49 -6.01
C TYR A 186 23.40 3.82 -5.76
N VAL A 187 24.30 2.92 -6.14
CA VAL A 187 25.73 3.21 -6.10
C VAL A 187 26.32 2.86 -7.46
N VAL A 188 27.04 3.81 -8.04
CA VAL A 188 27.76 3.56 -9.29
C VAL A 188 29.14 3.07 -8.92
N ASN A 189 29.51 1.88 -9.40
CA ASN A 189 30.83 1.33 -9.12
C ASN A 189 31.78 1.88 -10.16
N ASP A 190 32.24 3.11 -9.93
CA ASP A 190 33.25 3.70 -10.82
CA ASP A 190 33.24 3.74 -10.79
C ASP A 190 34.63 3.51 -10.21
N ASP A 191 35.00 4.32 -9.25
CA ASP A 191 36.23 4.12 -8.48
C ASP A 191 35.93 3.17 -7.33
N LEU A 192 36.72 2.09 -7.22
CA LEU A 192 36.43 1.06 -6.22
C LEU A 192 36.40 1.63 -4.82
N LYS A 193 37.31 2.56 -4.50
CA LYS A 193 37.35 3.12 -3.14
C LYS A 193 36.15 4.00 -2.88
N VAL A 194 35.75 4.81 -3.86
CA VAL A 194 34.59 5.68 -3.66
C VAL A 194 33.33 4.85 -3.49
N ALA A 195 33.12 3.87 -4.38
CA ALA A 195 31.95 3.00 -4.27
C ALA A 195 32.00 2.21 -2.98
N GLY A 196 33.20 1.78 -2.58
CA GLY A 196 33.34 1.02 -1.35
C GLY A 196 32.95 1.82 -0.12
N GLU A 197 33.27 3.11 -0.10
CA GLU A 197 32.90 3.96 1.04
C GLU A 197 31.39 4.08 1.15
N LYS A 198 30.72 4.25 0.01
CA LYS A 198 29.27 4.33 0.03
C LYS A 198 28.66 3.02 0.47
N LEU A 199 29.17 1.91 -0.08
CA LEU A 199 28.65 0.60 0.33
C LEU A 199 28.81 0.39 1.83
N GLU A 200 29.98 0.72 2.38
CA GLU A 200 30.19 0.56 3.81
C GLU A 200 29.24 1.42 4.61
N LYS A 201 29.03 2.67 4.17
CA LYS A 201 28.11 3.55 4.88
C LYS A 201 26.71 2.95 4.93
N VAL A 202 26.24 2.43 3.77
CA VAL A 202 24.93 1.81 3.69
C VAL A 202 24.87 0.54 4.53
N ALA A 203 25.91 -0.31 4.44
CA ALA A 203 25.88 -1.57 5.15
C ALA A 203 25.95 -1.38 6.67
N MET A 204 26.68 -0.36 7.12
CA MET A 204 26.75 -0.08 8.55
C MET A 204 25.58 0.77 9.03
N GLY A 205 24.81 1.31 8.10
CA GLY A 205 23.73 2.22 8.47
C GLY A 205 24.20 3.49 9.14
N TRP A 206 25.39 3.98 8.79
CA TRP A 206 25.91 5.16 9.42
C TRP A 206 25.16 6.40 8.95
N GLU A 207 25.08 7.41 9.83
CA GLU A 207 24.36 8.63 9.51
C GLU A 207 24.79 9.17 8.16
N GLY A 208 23.80 9.54 7.34
CA GLY A 208 24.02 9.96 5.97
C GLY A 208 23.84 8.86 4.93
N TRP A 209 23.66 7.61 5.33
CA TRP A 209 23.62 6.56 4.32
C TRP A 209 22.41 6.69 3.42
N LYS A 210 21.30 7.24 3.90
CA LYS A 210 20.12 7.27 3.05
C LYS A 210 20.27 8.29 1.94
N THR A 211 21.18 9.26 2.11
CA THR A 211 21.38 10.30 1.12
C THR A 211 22.75 10.23 0.45
N CYS A 212 23.49 9.14 0.63
CA CYS A 212 24.85 9.07 0.11
C CYS A 212 24.91 8.53 -1.30
N GLY A 213 23.80 8.07 -1.84
CA GLY A 213 23.82 7.38 -3.10
C GLY A 213 23.92 8.29 -4.30
N ASP A 214 24.10 7.63 -5.44
CA ASP A 214 24.35 8.23 -6.73
C ASP A 214 23.07 8.31 -7.54
N THR A 215 23.11 9.18 -8.54
CA THR A 215 22.14 9.18 -9.60
C THR A 215 22.59 8.15 -10.63
N LEU A 216 21.65 7.35 -11.11
CA LEU A 216 21.96 6.36 -12.13
C LEU A 216 22.42 7.08 -13.40
N PRO A 217 23.54 6.68 -14.00
CA PRO A 217 23.99 7.33 -15.22
C PRO A 217 23.03 7.07 -16.36
N GLU A 218 23.13 7.92 -17.39
CA GLU A 218 22.50 7.59 -18.67
C GLU A 218 23.22 6.38 -19.24
N LEU A 219 22.48 5.30 -19.45
CA LEU A 219 23.05 4.09 -20.03
C LEU A 219 22.24 3.72 -21.26
N ASN A 220 22.91 3.66 -22.40
CA ASN A 220 22.25 3.35 -23.66
C ASN A 220 22.11 1.84 -23.74
N LEU A 221 20.90 1.34 -23.47
CA LEU A 221 20.73 -0.11 -23.41
C LEU A 221 20.88 -0.77 -24.77
N ALA A 222 20.73 -0.02 -25.86
CA ALA A 222 20.96 -0.60 -27.17
C ALA A 222 22.40 -1.00 -27.37
N GLU A 223 23.32 -0.47 -26.56
CA GLU A 223 24.74 -0.83 -26.64
C GLU A 223 25.02 -2.19 -26.06
N LEU A 224 24.08 -2.77 -25.32
CA LEU A 224 24.29 -4.08 -24.74
C LEU A 224 24.28 -5.18 -25.79
N ASP A 225 23.67 -4.93 -26.94
CA ASP A 225 23.65 -5.91 -28.01
C ASP A 225 25.03 -6.08 -28.64
N ARG B 11 -43.18 25.90 -14.81
CA ARG B 11 -42.38 27.11 -14.75
C ARG B 11 -40.90 26.82 -14.46
N PRO B 12 -40.01 27.31 -15.31
CA PRO B 12 -38.63 26.81 -15.30
C PRO B 12 -37.76 27.51 -14.27
N ILE B 13 -36.66 26.82 -13.90
CA ILE B 13 -35.67 27.43 -13.04
C ILE B 13 -35.01 28.59 -13.77
N ASN B 14 -34.65 29.62 -13.01
CA ASN B 14 -33.94 30.78 -13.56
C ASN B 14 -32.54 30.37 -13.98
N PRO B 15 -32.16 30.53 -15.26
CA PRO B 15 -30.79 30.20 -15.66
C PRO B 15 -29.72 30.90 -14.84
N ASP B 16 -30.03 32.05 -14.26
CA ASP B 16 -29.05 32.81 -13.49
C ASP B 16 -28.76 32.21 -12.13
N VAL B 17 -29.51 31.21 -11.67
CA VAL B 17 -29.20 30.58 -10.39
C VAL B 17 -28.84 29.12 -10.51
N VAL B 18 -29.02 28.50 -11.69
CA VAL B 18 -28.84 27.04 -11.77
C VAL B 18 -27.41 26.65 -11.44
N ASN B 19 -26.44 27.52 -11.74
CA ASN B 19 -25.05 27.21 -11.43
C ASN B 19 -24.57 27.90 -10.16
N ARG B 20 -25.48 28.43 -9.35
CA ARG B 20 -25.16 29.04 -8.07
C ARG B 20 -25.62 28.13 -6.96
N PRO B 21 -24.74 27.34 -6.34
CA PRO B 21 -25.21 26.39 -5.34
C PRO B 21 -25.97 27.09 -4.23
N LEU B 22 -27.10 26.50 -3.84
CA LEU B 22 -27.87 27.04 -2.73
C LEU B 22 -27.43 26.35 -1.46
N VAL B 23 -26.88 27.12 -0.53
CA VAL B 23 -26.29 26.57 0.69
C VAL B 23 -27.24 26.94 1.82
N ILE B 24 -27.84 25.94 2.45
CA ILE B 24 -28.83 26.15 3.50
CA ILE B 24 -28.83 26.17 3.51
C ILE B 24 -28.21 25.78 4.84
N CYS B 25 -28.35 26.66 5.82
CA CYS B 25 -27.82 26.36 7.13
CA CYS B 25 -27.76 26.49 7.13
C CYS B 25 -28.78 26.89 8.18
N GLY B 26 -28.68 26.32 9.36
CA GLY B 26 -29.49 26.82 10.44
C GLY B 26 -29.37 25.87 11.60
N PRO B 27 -29.89 26.25 12.76
CA PRO B 27 -29.72 25.42 13.96
C PRO B 27 -30.35 24.05 13.80
N SER B 28 -29.71 23.06 14.41
CA SER B 28 -30.23 21.70 14.35
C SER B 28 -31.63 21.65 14.95
N GLY B 29 -32.56 21.06 14.21
CA GLY B 29 -33.94 20.98 14.64
C GLY B 29 -34.85 22.03 14.05
N THR B 30 -34.31 22.97 13.28
CA THR B 30 -35.14 24.04 12.76
C THR B 30 -36.14 23.52 11.73
N GLY B 31 -35.72 22.56 10.91
CA GLY B 31 -36.58 22.03 9.86
C GLY B 31 -36.00 21.99 8.45
N LYS B 32 -34.67 22.05 8.34
CA LYS B 32 -34.02 22.02 7.02
C LYS B 32 -34.39 20.75 6.25
N SER B 33 -34.20 19.58 6.86
CA SER B 33 -34.50 18.33 6.16
CA SER B 33 -34.50 18.33 6.17
C SER B 33 -35.97 18.26 5.78
N THR B 34 -36.86 18.69 6.68
CA THR B 34 -38.29 18.68 6.40
C THR B 34 -38.64 19.54 5.19
N LEU B 35 -38.13 20.77 5.15
CA LEU B 35 -38.44 21.67 4.05
C LEU B 35 -37.81 21.19 2.75
N LEU B 36 -36.59 20.64 2.83
CA LEU B 36 -35.94 20.18 1.60
C LEU B 36 -36.69 19.01 0.97
N LYS B 37 -37.21 18.09 1.80
CA LYS B 37 -37.95 16.97 1.24
C LYS B 37 -39.12 17.47 0.38
N THR B 38 -39.86 18.43 0.90
CA THR B 38 -41.01 18.97 0.18
C THR B 38 -40.59 19.73 -1.07
N LEU B 39 -39.50 20.50 -0.98
CA LEU B 39 -39.00 21.21 -2.16
C LEU B 39 -38.70 20.24 -3.30
N PHE B 40 -37.97 19.16 -2.99
CA PHE B 40 -37.62 18.22 -4.05
CA PHE B 40 -37.62 18.22 -4.05
CA PHE B 40 -37.60 18.21 -4.03
C PHE B 40 -38.83 17.52 -4.60
N GLU B 41 -39.86 17.29 -3.78
CA GLU B 41 -41.09 16.69 -4.28
C GLU B 41 -41.85 17.67 -5.17
N SER B 42 -41.78 18.97 -4.86
CA SER B 42 -42.48 19.99 -5.65
CA SER B 42 -42.49 19.96 -5.67
C SER B 42 -41.81 20.24 -7.00
N GLN B 43 -40.49 20.01 -7.09
CA GLN B 43 -39.73 20.30 -8.31
C GLN B 43 -38.85 19.12 -8.65
N PRO B 44 -39.44 18.02 -9.11
CA PRO B 44 -38.65 16.81 -9.38
C PRO B 44 -37.62 17.05 -10.47
N ASN B 45 -36.46 16.39 -10.33
CA ASN B 45 -35.41 16.39 -11.33
C ASN B 45 -34.92 17.79 -11.67
N THR B 46 -35.08 18.73 -10.75
CA THR B 46 -34.55 20.08 -10.92
C THR B 46 -33.35 20.35 -10.04
N PHE B 47 -33.32 19.77 -8.84
CA PHE B 47 -32.26 20.02 -7.89
C PHE B 47 -31.45 18.76 -7.63
N GLY B 48 -30.21 18.96 -7.23
CA GLY B 48 -29.37 17.88 -6.77
C GLY B 48 -29.03 18.11 -5.31
N PHE B 49 -29.27 17.12 -4.47
CA PHE B 49 -28.91 17.23 -3.06
C PHE B 49 -27.50 16.70 -2.86
N SER B 50 -26.60 17.58 -2.41
CA SER B 50 -25.22 17.15 -2.17
C SER B 50 -25.17 16.17 -1.01
N VAL B 51 -24.62 14.98 -1.26
CA VAL B 51 -24.53 13.94 -0.25
C VAL B 51 -23.20 14.09 0.45
N SER B 52 -23.23 14.70 1.63
CA SER B 52 -22.06 14.88 2.49
C SER B 52 -21.55 13.55 3.01
N HIS B 53 -20.27 13.56 3.40
CA HIS B 53 -19.75 12.48 4.24
C HIS B 53 -19.94 12.86 5.70
N THR B 54 -20.20 11.85 6.53
CA THR B 54 -20.20 12.09 7.96
C THR B 54 -19.64 10.89 8.69
N THR B 55 -19.08 11.14 9.87
CA THR B 55 -18.66 10.07 10.76
C THR B 55 -19.69 9.77 11.84
N ARG B 56 -20.79 10.53 11.91
CA ARG B 56 -21.82 10.12 12.85
C ARG B 56 -22.51 8.86 12.35
N LYS B 57 -23.21 8.18 13.28
CA LYS B 57 -23.89 6.96 12.92
C LYS B 57 -25.24 7.27 12.26
N PRO B 58 -25.70 6.40 11.37
CA PRO B 58 -27.01 6.61 10.76
C PRO B 58 -28.12 6.53 11.79
N ARG B 59 -29.12 7.39 11.60
CA ARG B 59 -30.36 7.37 12.35
C ARG B 59 -31.33 6.37 11.73
N PRO B 60 -32.33 5.91 12.48
CA PRO B 60 -33.42 5.16 11.86
C PRO B 60 -34.00 5.97 10.72
N GLY B 61 -34.30 5.29 9.62
CA GLY B 61 -34.87 5.94 8.47
C GLY B 61 -33.86 6.53 7.51
N GLU B 62 -32.57 6.50 7.83
CA GLU B 62 -31.54 6.98 6.91
C GLU B 62 -30.94 5.81 6.15
N GLU B 63 -30.41 6.12 4.97
CA GLU B 63 -29.79 5.10 4.13
CA GLU B 63 -29.80 5.11 4.11
C GLU B 63 -28.45 5.60 3.64
N ASN B 64 -27.43 4.74 3.69
CA ASN B 64 -26.11 5.13 3.23
C ASN B 64 -26.17 5.50 1.75
N GLY B 65 -25.55 6.61 1.41
CA GLY B 65 -25.57 7.12 0.04
C GLY B 65 -26.75 8.01 -0.28
N ARG B 66 -27.71 8.15 0.64
CA ARG B 66 -28.87 9.01 0.42
C ARG B 66 -28.74 10.29 1.25
N GLU B 67 -28.91 10.20 2.57
CA GLU B 67 -28.77 11.38 3.42
C GLU B 67 -27.30 11.77 3.56
N TYR B 68 -26.42 10.77 3.64
CA TYR B 68 -25.00 10.93 3.88
C TYR B 68 -24.29 9.73 3.29
N HIS B 69 -22.98 9.90 3.03
CA HIS B 69 -22.04 8.78 2.94
C HIS B 69 -21.51 8.58 4.34
N PHE B 70 -21.88 7.49 4.99
CA PHE B 70 -21.49 7.25 6.38
C PHE B 70 -20.15 6.51 6.38
N VAL B 71 -19.13 7.13 6.98
CA VAL B 71 -17.79 6.56 6.97
C VAL B 71 -17.19 6.61 8.37
N THR B 72 -16.05 5.94 8.52
CA THR B 72 -15.33 6.02 9.78
C THR B 72 -14.48 7.28 9.83
N LYS B 73 -14.06 7.61 11.05
CA LYS B 73 -13.22 8.80 11.21
C LYS B 73 -11.90 8.64 10.47
N GLU B 74 -11.33 7.44 10.49
CA GLU B 74 -10.09 7.21 9.74
C GLU B 74 -10.31 7.37 8.25
N GLU B 75 -11.44 6.87 7.72
CA GLU B 75 -11.73 7.06 6.30
C GLU B 75 -11.90 8.53 5.98
N PHE B 76 -12.58 9.26 6.87
CA PHE B 76 -12.83 10.67 6.65
C PHE B 76 -11.52 11.44 6.59
N MET B 77 -10.62 11.20 7.56
CA MET B 77 -9.38 11.97 7.59
C MET B 77 -8.47 11.60 6.44
N GLU B 78 -8.52 10.34 5.99
CA GLU B 78 -7.77 9.98 4.78
C GLU B 78 -8.26 10.80 3.60
N GLY B 79 -9.58 10.92 3.45
CA GLY B 79 -10.12 11.73 2.38
C GLY B 79 -9.74 13.19 2.52
N VAL B 80 -9.74 13.71 3.75
CA VAL B 80 -9.32 15.09 3.97
C VAL B 80 -7.88 15.29 3.47
N GLY B 81 -6.99 14.40 3.89
CA GLY B 81 -5.58 14.54 3.50
C GLY B 81 -5.34 14.36 2.02
N LYS B 82 -6.19 13.57 1.36
CA LYS B 82 -6.09 13.38 -0.08
CA LYS B 82 -6.10 13.38 -0.08
C LYS B 82 -6.72 14.53 -0.87
N GLY B 83 -7.26 15.55 -0.18
CA GLY B 83 -7.81 16.70 -0.88
C GLY B 83 -9.19 16.47 -1.48
N GLU B 84 -9.94 15.50 -0.95
CA GLU B 84 -11.23 15.15 -1.53
C GLU B 84 -12.35 16.11 -1.14
N PHE B 85 -12.14 16.96 -0.14
CA PHE B 85 -13.22 17.79 0.42
C PHE B 85 -13.15 19.24 -0.05
N LEU B 86 -14.27 19.74 -0.54
CA LEU B 86 -14.43 21.18 -0.73
C LEU B 86 -14.42 21.90 0.62
N GLU B 87 -15.15 21.36 1.59
CA GLU B 87 -15.14 21.88 2.94
C GLU B 87 -15.47 20.72 3.86
N TRP B 88 -15.05 20.85 5.12
CA TRP B 88 -15.46 19.92 6.15
C TRP B 88 -15.34 20.61 7.49
N ALA B 89 -16.05 20.08 8.48
CA ALA B 89 -15.92 20.63 9.83
C ALA B 89 -16.41 19.60 10.83
N GLU B 90 -16.22 19.91 12.10
CA GLU B 90 -16.70 19.06 13.18
CA GLU B 90 -16.69 19.06 13.20
C GLU B 90 -17.89 19.75 13.84
N PHE B 91 -18.92 18.95 14.13
CA PHE B 91 -20.17 19.46 14.68
C PHE B 91 -20.69 18.39 15.65
N GLY B 92 -20.95 18.79 16.89
CA GLY B 92 -21.53 17.83 17.81
C GLY B 92 -20.66 16.62 18.05
N GLY B 93 -19.36 16.74 17.85
CA GLY B 93 -18.43 15.65 18.11
C GLY B 93 -18.22 14.70 16.95
N ASN B 94 -18.78 15.02 15.79
CA ASN B 94 -18.63 14.19 14.60
C ASN B 94 -18.17 15.07 13.45
N CYS B 95 -17.61 14.45 12.42
CA CYS B 95 -17.11 15.18 11.25
C CYS B 95 -18.12 15.10 10.11
N TYR B 96 -18.22 16.19 9.35
CA TYR B 96 -19.13 16.29 8.22
C TYR B 96 -18.42 17.06 7.12
N GLY B 97 -18.63 16.70 5.88
CA GLY B 97 -18.03 17.49 4.82
C GLY B 97 -18.59 17.21 3.46
N THR B 98 -18.37 18.17 2.55
CA THR B 98 -18.82 18.12 1.17
C THR B 98 -17.62 17.74 0.31
N THR B 99 -17.65 16.57 -0.32
CA THR B 99 -16.58 16.26 -1.25
C THR B 99 -16.81 16.95 -2.59
N PHE B 100 -15.71 17.22 -3.30
CA PHE B 100 -15.85 17.69 -4.68
C PHE B 100 -16.68 16.71 -5.50
N ALA B 101 -16.48 15.41 -5.28
CA ALA B 101 -17.17 14.41 -6.09
C ALA B 101 -18.69 14.47 -5.86
N ALA B 102 -19.12 14.78 -4.64
CA ALA B 102 -20.55 14.86 -4.36
C ALA B 102 -21.21 15.96 -5.15
N LEU B 103 -20.50 17.07 -5.40
CA LEU B 103 -21.10 18.15 -6.19
C LEU B 103 -21.04 17.83 -7.69
N THR B 104 -19.94 17.23 -8.14
CA THR B 104 -19.81 16.85 -9.54
C THR B 104 -20.93 15.91 -9.96
N ALA B 105 -21.35 15.04 -9.05
CA ALA B 105 -22.41 14.08 -9.35
C ALA B 105 -23.74 14.75 -9.63
N LEU B 106 -23.90 16.03 -9.26
CA LEU B 106 -25.19 16.67 -9.36
C LEU B 106 -25.39 17.42 -10.67
N HIS B 107 -24.31 17.79 -11.35
CA HIS B 107 -24.44 18.58 -12.56
C HIS B 107 -25.30 17.84 -13.58
N PRO B 108 -26.16 18.54 -14.33
CA PRO B 108 -26.36 19.98 -14.40
C PRO B 108 -27.49 20.51 -13.52
N ARG B 109 -27.97 19.74 -12.54
CA ARG B 109 -29.02 20.25 -11.67
C ARG B 109 -28.43 21.29 -10.73
N ARG B 110 -29.28 22.17 -10.21
CA ARG B 110 -28.79 23.12 -9.24
C ARG B 110 -28.42 22.40 -7.96
N CYS B 111 -27.20 22.64 -7.49
CA CYS B 111 -26.72 22.01 -6.25
C CYS B 111 -27.38 22.63 -5.03
N ILE B 112 -27.83 21.78 -4.11
CA ILE B 112 -28.34 22.22 -2.82
CA ILE B 112 -28.34 22.21 -2.81
C ILE B 112 -27.50 21.54 -1.74
N LEU B 113 -26.93 22.35 -0.83
CA LEU B 113 -26.09 21.87 0.25
C LEU B 113 -26.75 22.20 1.59
N ASP B 114 -26.68 21.27 2.52
CA ASP B 114 -27.15 21.46 3.90
C ASP B 114 -25.88 21.33 4.76
N ILE B 115 -25.35 22.46 5.23
CA ILE B 115 -24.09 22.47 5.97
C ILE B 115 -24.21 23.46 7.11
N GLU B 116 -23.24 23.43 8.03
CA GLU B 116 -23.30 24.33 9.17
C GLU B 116 -22.34 25.51 9.01
N LEU B 117 -22.23 26.31 10.08
CA LEU B 117 -21.61 27.62 9.97
C LEU B 117 -20.15 27.53 9.58
N GLN B 118 -19.40 26.59 10.15
CA GLN B 118 -17.98 26.54 9.80
C GLN B 118 -17.80 26.26 8.32
N GLY B 119 -18.66 25.39 7.77
CA GLY B 119 -18.64 25.15 6.33
C GLY B 119 -19.01 26.38 5.53
N VAL B 120 -20.02 27.12 5.99
CA VAL B 120 -20.39 28.39 5.34
C VAL B 120 -19.20 29.33 5.29
N LEU B 121 -18.51 29.49 6.42
CA LEU B 121 -17.39 30.42 6.45
C LEU B 121 -16.28 29.95 5.51
N GLN B 122 -16.01 28.66 5.50
CA GLN B 122 -15.03 28.13 4.56
C GLN B 122 -15.42 28.44 3.12
N LEU B 123 -16.69 28.20 2.77
CA LEU B 123 -17.10 28.40 1.38
C LEU B 123 -17.10 29.87 0.98
N LYS B 124 -17.42 30.77 1.91
CA LYS B 124 -17.33 32.19 1.57
C LYS B 124 -15.92 32.59 1.15
N ALA B 125 -14.90 31.95 1.75
CA ALA B 125 -13.53 32.22 1.36
C ALA B 125 -13.08 31.44 0.14
N LYS B 126 -13.58 30.20 -0.02
CA LYS B 126 -13.05 29.27 -1.01
C LYS B 126 -13.76 29.37 -2.35
N ALA B 127 -15.07 29.65 -2.33
CA ALA B 127 -15.82 29.69 -3.59
C ALA B 127 -15.26 30.69 -4.59
N PRO B 128 -14.88 31.91 -4.20
CA PRO B 128 -14.29 32.84 -5.19
C PRO B 128 -13.01 32.33 -5.82
N LEU B 129 -12.35 31.34 -5.22
CA LEU B 129 -11.05 30.89 -5.66
C LEU B 129 -11.12 29.66 -6.55
N GLN B 130 -12.31 29.12 -6.78
CA GLN B 130 -12.47 27.99 -7.69
C GLN B 130 -12.31 28.47 -9.13
N THR B 131 -12.09 27.51 -10.02
CA THR B 131 -11.98 27.78 -11.46
C THR B 131 -13.09 27.04 -12.20
N PRO B 132 -14.12 27.74 -12.70
CA PRO B 132 -14.33 29.18 -12.52
C PRO B 132 -14.83 29.49 -11.12
N PRO B 133 -14.90 30.77 -10.75
CA PRO B 133 -15.42 31.10 -9.42
C PRO B 133 -16.82 30.54 -9.24
N LEU B 134 -17.06 30.00 -8.05
CA LEU B 134 -18.38 29.55 -7.64
C LEU B 134 -19.03 30.69 -6.89
N GLU B 135 -20.32 30.94 -7.18
CA GLU B 135 -21.04 32.02 -6.51
C GLU B 135 -22.26 31.46 -5.79
N PRO B 136 -22.08 30.88 -4.61
CA PRO B 136 -23.22 30.30 -3.91
C PRO B 136 -24.19 31.38 -3.44
N VAL B 137 -25.40 30.94 -3.14
CA VAL B 137 -26.40 31.72 -2.41
C VAL B 137 -26.50 31.11 -1.02
N PHE B 138 -26.31 31.91 0.02
CA PHE B 138 -26.32 31.42 1.39
C PHE B 138 -27.64 31.78 2.05
N LEU B 139 -28.41 30.76 2.41
CA LEU B 139 -29.71 30.93 3.04
C LEU B 139 -29.65 30.46 4.48
N PHE B 140 -30.14 31.28 5.39
CA PHE B 140 -30.21 30.89 6.79
C PHE B 140 -31.66 30.56 7.13
N LEU B 141 -31.89 29.37 7.69
CA LEU B 141 -33.23 28.93 8.09
C LEU B 141 -33.31 29.07 9.60
N SER B 142 -34.23 29.92 10.07
CA SER B 142 -34.32 30.23 11.49
C SER B 142 -35.55 29.60 12.12
N PRO B 143 -35.46 29.16 13.37
CA PRO B 143 -36.66 28.84 14.12
C PRO B 143 -37.41 30.13 14.45
N PRO B 144 -38.71 30.05 14.74
CA PRO B 144 -39.42 31.26 15.13
C PRO B 144 -39.19 31.67 16.57
N SER B 145 -38.70 30.75 17.40
CA SER B 145 -38.42 31.03 18.81
C SER B 145 -37.49 29.93 19.30
N ILE B 146 -36.78 30.22 20.39
CA ILE B 146 -35.91 29.21 20.97
C ILE B 146 -36.73 28.07 21.56
N SER B 147 -37.89 28.38 22.17
CA SER B 147 -38.72 27.32 22.73
CA SER B 147 -38.69 27.31 22.74
C SER B 147 -39.16 26.34 21.65
N GLN B 148 -39.51 26.85 20.46
CA GLN B 148 -39.90 25.94 19.39
C GLN B 148 -38.70 25.21 18.80
N LEU B 149 -37.53 25.85 18.76
CA LEU B 149 -36.34 25.09 18.35
C LEU B 149 -36.13 23.88 19.26
N LYS B 150 -36.22 24.09 20.58
CA LYS B 150 -36.01 23.00 21.52
C LYS B 150 -37.06 21.90 21.35
N SER B 151 -38.33 22.29 21.23
CA SER B 151 -39.36 21.26 21.14
C SER B 151 -39.28 20.50 19.82
N ARG B 152 -38.88 21.16 18.72
CA ARG B 152 -38.67 20.46 17.47
C ARG B 152 -37.52 19.48 17.57
N LEU B 153 -36.39 19.93 18.14
CA LEU B 153 -35.22 19.06 18.22
C LEU B 153 -35.50 17.85 19.09
N SER B 154 -36.09 18.07 20.27
CA SER B 154 -36.42 16.96 21.16
C SER B 154 -37.50 16.07 20.56
N GLY B 155 -38.48 16.67 19.89
CA GLY B 155 -39.60 15.92 19.35
C GLY B 155 -39.23 15.05 18.17
N ARG B 156 -38.10 15.30 17.53
CA ARG B 156 -37.67 14.42 16.45
C ARG B 156 -37.38 13.02 16.96
N GLY B 157 -36.95 12.89 18.21
CA GLY B 157 -36.78 11.57 18.81
C GLY B 157 -35.52 10.85 18.43
N THR B 158 -34.54 11.54 17.86
CA THR B 158 -33.33 10.91 17.34
C THR B 158 -32.10 11.14 18.22
N GLU B 159 -32.13 12.09 19.14
CA GLU B 159 -30.93 12.55 19.80
CA GLU B 159 -30.94 12.58 19.81
C GLU B 159 -30.90 12.14 21.26
N THR B 160 -29.70 11.80 21.74
CA THR B 160 -29.48 11.64 23.18
C THR B 160 -29.52 13.02 23.82
N ASP B 161 -29.61 13.03 25.15
CA ASP B 161 -29.52 14.28 25.88
C ASP B 161 -28.19 14.97 25.61
N ALA B 162 -27.11 14.18 25.52
CA ALA B 162 -25.78 14.75 25.27
C ALA B 162 -25.72 15.40 23.90
N SER B 163 -26.28 14.75 22.88
CA SER B 163 -26.27 15.33 21.54
CA SER B 163 -26.28 15.34 21.54
C SER B 163 -27.14 16.59 21.48
N ILE B 164 -28.30 16.58 22.14
CA ILE B 164 -29.14 17.77 22.19
C ILE B 164 -28.39 18.94 22.79
N ARG B 165 -27.70 18.70 23.91
CA ARG B 165 -26.91 19.75 24.55
C ARG B 165 -25.88 20.34 23.57
N LYS B 166 -25.16 19.46 22.85
CA LYS B 166 -24.16 19.93 21.90
C LYS B 166 -24.80 20.74 20.78
N ARG B 167 -25.98 20.31 20.33
CA ARG B 167 -26.64 20.97 19.22
C ARG B 167 -27.21 22.31 19.63
N LEU B 168 -27.78 22.40 20.85
CA LEU B 168 -28.28 23.69 21.32
C LEU B 168 -27.13 24.64 21.60
N ASP B 169 -26.00 24.13 22.12
CA ASP B 169 -24.83 24.98 22.30
C ASP B 169 -24.34 25.53 20.96
N ALA B 170 -24.32 24.68 19.93
CA ALA B 170 -23.90 25.14 18.62
C ALA B 170 -24.85 26.19 18.05
N ALA B 171 -26.15 26.07 18.37
CA ALA B 171 -27.12 27.06 17.90
C ALA B 171 -26.78 28.47 18.37
N LYS B 172 -26.13 28.62 19.52
CA LYS B 172 -25.77 29.96 20.01
C LYS B 172 -24.84 30.67 19.04
N GLU B 173 -23.75 30.01 18.64
CA GLU B 173 -22.83 30.63 17.69
C GLU B 173 -23.50 30.82 16.33
N GLU B 174 -24.30 29.84 15.92
CA GLU B 174 -25.00 29.93 14.63
C GLU B 174 -25.91 31.14 14.58
N LEU B 175 -26.68 31.37 15.64
CA LEU B 175 -27.58 32.51 15.64
C LEU B 175 -26.85 33.84 15.87
N ARG B 176 -25.79 33.86 16.66
CA ARG B 176 -25.04 35.11 16.79
C ARG B 176 -24.50 35.56 15.44
N TYR B 177 -23.93 34.63 14.67
CA TYR B 177 -23.46 35.01 13.35
C TYR B 177 -24.61 35.43 12.46
N ALA B 178 -25.73 34.70 12.51
CA ALA B 178 -26.86 35.04 11.66
C ALA B 178 -27.34 36.46 11.92
N LYS B 179 -27.34 36.90 13.18
CA LYS B 179 -27.78 38.25 13.53
C LYS B 179 -26.91 39.34 12.90
N GLU B 180 -25.73 38.98 12.39
CA GLU B 180 -24.88 39.97 11.74
C GLU B 180 -25.40 40.39 10.37
N GLY B 181 -26.38 39.69 9.83
CA GLY B 181 -27.00 40.09 8.58
C GLY B 181 -26.26 39.72 7.31
N LYS B 182 -25.31 38.78 7.37
CA LYS B 182 -24.47 38.50 6.22
C LYS B 182 -25.04 37.45 5.27
N TYR B 183 -26.06 36.70 5.67
CA TYR B 183 -26.64 35.74 4.75
C TYR B 183 -27.36 36.46 3.62
N ASP B 184 -27.48 35.78 2.47
CA ASP B 184 -28.15 36.37 1.32
C ASP B 184 -29.66 36.39 1.51
N VAL B 185 -30.21 35.36 2.13
CA VAL B 185 -31.64 35.26 2.40
C VAL B 185 -31.82 34.65 3.77
N TYR B 186 -32.81 35.15 4.51
CA TYR B 186 -33.24 34.58 5.78
C TYR B 186 -34.67 34.07 5.61
N VAL B 187 -34.93 32.85 6.04
CA VAL B 187 -36.30 32.34 6.07
C VAL B 187 -36.59 31.79 7.46
N VAL B 188 -37.65 32.27 8.08
CA VAL B 188 -38.10 31.71 9.36
C VAL B 188 -39.03 30.54 9.06
N ASN B 189 -38.71 29.37 9.61
CA ASN B 189 -39.56 28.20 9.41
C ASN B 189 -40.63 28.23 10.49
N ASP B 190 -41.66 29.06 10.25
CA ASP B 190 -42.82 29.13 11.12
CA ASP B 190 -42.80 29.09 11.15
C ASP B 190 -43.86 28.13 10.63
N ASP B 191 -44.61 28.53 9.61
CA ASP B 191 -45.56 27.62 8.97
C ASP B 191 -44.87 26.95 7.79
N LEU B 192 -45.01 25.62 7.69
CA LEU B 192 -44.29 24.86 6.68
C LEU B 192 -44.63 25.33 5.27
N LYS B 193 -45.91 25.64 5.01
CA LYS B 193 -46.30 26.07 3.67
C LYS B 193 -45.72 27.44 3.33
N VAL B 194 -45.79 28.38 4.27
CA VAL B 194 -45.27 29.71 4.01
C VAL B 194 -43.77 29.66 3.81
N ALA B 195 -43.05 28.97 4.70
CA ALA B 195 -41.60 28.85 4.54
C ALA B 195 -41.25 28.10 3.27
N GLY B 196 -42.03 27.07 2.94
CA GLY B 196 -41.75 26.28 1.75
C GLY B 196 -41.89 27.08 0.47
N GLU B 197 -42.85 28.00 0.42
CA GLU B 197 -43.00 28.87 -0.76
C GLU B 197 -41.80 29.78 -0.93
N LYS B 198 -41.30 30.34 0.17
CA LYS B 198 -40.11 31.18 0.08
C LYS B 198 -38.91 30.35 -0.34
N LEU B 199 -38.73 29.17 0.26
CA LEU B 199 -37.62 28.31 -0.14
C LEU B 199 -37.69 27.98 -1.62
N GLU B 200 -38.88 27.63 -2.12
CA GLU B 200 -39.02 27.30 -3.53
C GLU B 200 -38.69 28.48 -4.41
N LYS B 201 -39.16 29.67 -4.03
CA LYS B 201 -38.86 30.86 -4.81
C LYS B 201 -37.35 31.10 -4.88
N VAL B 202 -36.67 30.97 -3.74
CA VAL B 202 -35.22 31.13 -3.72
C VAL B 202 -34.54 30.04 -4.54
N ALA B 203 -34.98 28.79 -4.39
CA ALA B 203 -34.31 27.68 -5.06
C ALA B 203 -34.50 27.74 -6.58
N MET B 204 -35.67 28.23 -7.03
CA MET B 204 -35.91 28.37 -8.46
C MET B 204 -35.38 29.68 -9.01
N GLY B 205 -34.99 30.62 -8.14
CA GLY B 205 -34.54 31.92 -8.60
C GLY B 205 -35.63 32.73 -9.26
N TRP B 206 -36.87 32.52 -8.87
CA TRP B 206 -37.97 33.25 -9.50
C TRP B 206 -37.99 34.72 -9.07
N GLU B 207 -38.50 35.58 -9.95
CA GLU B 207 -38.53 37.02 -9.68
C GLU B 207 -39.12 37.31 -8.31
N GLY B 208 -38.45 38.18 -7.56
CA GLY B 208 -38.82 38.47 -6.20
C GLY B 208 -38.09 37.66 -5.15
N TRP B 209 -37.32 36.63 -5.54
CA TRP B 209 -36.65 35.80 -4.52
C TRP B 209 -35.66 36.61 -3.68
N LYS B 210 -35.06 37.66 -4.24
CA LYS B 210 -34.04 38.36 -3.45
C LYS B 210 -34.67 39.18 -2.35
N THR B 211 -35.94 39.54 -2.50
CA THR B 211 -36.65 40.36 -1.54
C THR B 211 -37.73 39.59 -0.77
N CYS B 212 -37.76 38.26 -0.88
CA CYS B 212 -38.83 37.49 -0.27
C CYS B 212 -38.53 37.06 1.15
N GLY B 213 -37.30 37.28 1.61
CA GLY B 213 -36.88 36.78 2.90
C GLY B 213 -37.48 37.55 4.06
N ASP B 214 -37.29 36.93 5.22
CA ASP B 214 -37.80 37.38 6.50
C ASP B 214 -36.75 38.16 7.24
N THR B 215 -37.20 38.95 8.21
CA THR B 215 -36.35 39.49 9.24
C THR B 215 -36.21 38.45 10.35
N LEU B 216 -35.00 38.30 10.87
CA LEU B 216 -34.77 37.38 11.97
C LEU B 216 -35.58 37.81 13.19
N PRO B 217 -36.30 36.91 13.85
CA PRO B 217 -37.02 37.30 15.07
C PRO B 217 -36.03 37.57 16.19
N GLU B 218 -36.50 38.30 17.20
CA GLU B 218 -35.77 38.32 18.44
C GLU B 218 -35.72 36.90 18.97
N LEU B 219 -34.52 36.44 19.33
CA LEU B 219 -34.33 35.11 19.86
C LEU B 219 -33.52 35.25 21.13
N ASN B 220 -34.02 34.69 22.22
CA ASN B 220 -33.37 34.85 23.51
C ASN B 220 -32.35 33.73 23.64
N LEU B 221 -31.10 34.01 23.29
CA LEU B 221 -30.10 32.94 23.26
C LEU B 221 -29.78 32.39 24.64
N ALA B 222 -30.11 33.14 25.70
CA ALA B 222 -29.93 32.59 27.04
C ALA B 222 -30.84 31.41 27.30
N GLU B 223 -31.95 31.30 26.57
CA GLU B 223 -32.82 30.14 26.71
C GLU B 223 -32.19 28.87 26.16
N LEU B 224 -31.10 28.98 25.41
CA LEU B 224 -30.50 27.77 24.87
C LEU B 224 -29.84 26.94 25.96
N ASP B 225 -29.42 27.57 27.06
CA ASP B 225 -28.81 26.84 28.17
C ASP B 225 -29.82 25.96 28.89
N SER C 10 28.35 16.89 21.03
CA SER C 10 27.58 15.81 20.44
C SER C 10 27.65 15.86 18.91
N ARG C 11 27.40 14.71 18.27
CA ARG C 11 27.44 14.66 16.82
CA ARG C 11 27.43 14.65 16.81
C ARG C 11 26.37 15.58 16.23
N PRO C 12 26.59 16.09 15.03
CA PRO C 12 25.58 16.96 14.41
C PRO C 12 24.33 16.16 14.08
N ILE C 13 23.30 16.90 13.64
CA ILE C 13 22.07 16.24 13.21
C ILE C 13 22.35 15.37 11.99
N ASN C 14 21.71 14.21 11.96
CA ASN C 14 21.83 13.29 10.83
C ASN C 14 21.28 13.95 9.58
N PRO C 15 22.07 14.10 8.52
CA PRO C 15 21.53 14.67 7.27
C PRO C 15 20.28 13.97 6.77
N ASP C 16 20.14 12.67 7.04
CA ASP C 16 19.01 11.87 6.57
C ASP C 16 17.70 12.21 7.25
N VAL C 17 17.70 12.98 8.34
CA VAL C 17 16.43 13.36 8.98
C VAL C 17 16.13 14.85 8.89
N VAL C 18 17.05 15.68 8.39
CA VAL C 18 16.83 17.14 8.44
C VAL C 18 15.56 17.51 7.70
N ASN C 19 15.29 16.85 6.57
CA ASN C 19 14.14 17.18 5.75
CA ASN C 19 14.14 17.17 5.75
C ASN C 19 12.95 16.26 6.01
N ARG C 20 12.98 15.50 7.11
CA ARG C 20 11.86 14.65 7.51
C ARG C 20 11.23 15.27 8.74
N PRO C 21 10.10 15.97 8.61
CA PRO C 21 9.51 16.62 9.79
C PRO C 21 9.23 15.60 10.88
N LEU C 22 9.56 15.98 12.12
CA LEU C 22 9.28 15.15 13.29
C LEU C 22 7.96 15.60 13.87
N VAL C 23 6.99 14.70 13.86
CA VAL C 23 5.63 14.97 14.33
C VAL C 23 5.49 14.30 15.68
N ILE C 24 5.24 15.07 16.73
CA ILE C 24 5.08 14.51 18.06
CA ILE C 24 5.08 14.52 18.06
C ILE C 24 3.61 14.62 18.44
N CYS C 25 3.06 13.53 18.93
CA CYS C 25 1.66 13.54 19.33
CA CYS C 25 1.64 13.43 19.24
C CYS C 25 1.49 12.69 20.57
N GLY C 26 0.43 12.99 21.31
CA GLY C 26 0.12 12.17 22.46
C GLY C 26 -0.99 12.82 23.26
N PRO C 27 -1.53 12.10 24.23
CA PRO C 27 -2.67 12.61 25.00
C PRO C 27 -2.30 13.91 25.71
N SER C 28 -3.30 14.79 25.82
CA SER C 28 -3.07 16.07 26.48
C SER C 28 -2.68 15.85 27.93
N GLY C 29 -1.62 16.52 28.34
CA GLY C 29 -1.06 16.39 29.67
C GLY C 29 0.12 15.44 29.75
N THR C 30 0.46 14.75 28.66
CA THR C 30 1.54 13.76 28.73
C THR C 30 2.87 14.42 28.98
N GLY C 31 3.11 15.57 28.34
CA GLY C 31 4.37 16.27 28.50
C GLY C 31 5.04 16.68 27.20
N LYS C 32 4.28 16.81 26.11
CA LYS C 32 4.87 17.13 24.81
C LYS C 32 5.60 18.46 24.86
N SER C 33 4.90 19.51 25.33
CA SER C 33 5.51 20.83 25.39
CA SER C 33 5.51 20.83 25.39
C SER C 33 6.73 20.83 26.30
N THR C 34 6.61 20.19 27.46
CA THR C 34 7.70 20.14 28.41
C THR C 34 8.93 19.48 27.81
N LEU C 35 8.73 18.33 27.15
CA LEU C 35 9.87 17.65 26.56
C LEU C 35 10.47 18.43 25.40
N LEU C 36 9.62 19.06 24.58
CA LEU C 36 10.16 19.83 23.47
C LEU C 36 11.02 20.98 23.98
N LYS C 37 10.61 21.62 25.09
CA LYS C 37 11.46 22.67 25.64
C LYS C 37 12.84 22.14 26.02
N THR C 38 12.91 20.92 26.57
CA THR C 38 14.22 20.35 26.91
C THR C 38 15.05 20.13 25.66
N LEU C 39 14.41 19.71 24.57
CA LEU C 39 15.13 19.44 23.35
C LEU C 39 15.72 20.72 22.77
N PHE C 40 14.93 21.80 22.76
CA PHE C 40 15.43 23.05 22.20
C PHE C 40 16.53 23.63 23.08
N GLU C 41 16.49 23.39 24.39
CA GLU C 41 17.56 23.85 25.26
C GLU C 41 18.84 23.06 25.02
N SER C 42 18.72 21.74 24.80
CA SER C 42 19.88 20.89 24.59
C SER C 42 20.51 21.09 23.22
N GLN C 43 19.72 21.45 22.22
CA GLN C 43 20.17 21.55 20.84
C GLN C 43 19.66 22.85 20.25
N PRO C 44 20.19 23.98 20.71
CA PRO C 44 19.71 25.26 20.20
C PRO C 44 20.09 25.44 18.74
N ASN C 45 19.29 26.26 18.06
CA ASN C 45 19.55 26.64 16.67
C ASN C 45 19.69 25.42 15.75
N THR C 46 18.97 24.36 16.07
CA THR C 46 18.97 23.14 15.28
C THR C 46 17.60 22.80 14.74
N PHE C 47 16.55 23.08 15.52
CA PHE C 47 15.20 22.70 15.21
C PHE C 47 14.36 23.94 15.00
N GLY C 48 13.33 23.78 14.18
CA GLY C 48 12.30 24.80 13.99
C GLY C 48 11.00 24.28 14.55
N PHE C 49 10.38 25.07 15.43
CA PHE C 49 9.11 24.65 16.00
C PHE C 49 7.97 25.23 15.17
N SER C 50 7.16 24.37 14.58
CA SER C 50 6.04 24.84 13.76
C SER C 50 5.01 25.52 14.66
N VAL C 51 4.73 26.79 14.37
CA VAL C 51 3.75 27.56 15.13
C VAL C 51 2.38 27.36 14.47
N SER C 52 1.57 26.50 15.09
CA SER C 52 0.20 26.26 14.70
C SER C 52 -0.69 27.46 14.96
N HIS C 53 -1.80 27.50 14.21
CA HIS C 53 -2.91 28.39 14.56
C HIS C 53 -3.84 27.66 15.53
N THR C 54 -4.42 28.41 16.45
CA THR C 54 -5.47 27.83 17.27
C THR C 54 -6.51 28.90 17.57
N THR C 55 -7.73 28.45 17.85
CA THR C 55 -8.80 29.34 18.29
C THR C 55 -9.00 29.30 19.80
N ARG C 56 -8.25 28.45 20.51
CA ARG C 56 -8.36 28.52 21.97
C ARG C 56 -7.66 29.76 22.50
N LYS C 57 -7.92 30.09 23.78
CA LYS C 57 -7.31 31.27 24.37
C LYS C 57 -5.89 30.96 24.89
N PRO C 58 -5.00 31.94 24.88
CA PRO C 58 -3.64 31.71 25.40
C PRO C 58 -3.63 31.45 26.90
N ARG C 59 -2.68 30.59 27.29
CA ARG C 59 -2.34 30.36 28.68
C ARG C 59 -1.37 31.44 29.14
N PRO C 60 -1.21 31.63 30.45
CA PRO C 60 -0.35 32.72 30.94
C PRO C 60 1.06 32.71 30.39
N GLY C 61 1.64 31.53 30.18
CA GLY C 61 3.01 31.47 29.68
C GLY C 61 3.15 31.47 28.18
N GLU C 62 2.07 31.67 27.44
CA GLU C 62 2.10 31.58 25.99
C GLU C 62 2.07 32.97 25.38
N GLU C 63 2.74 33.10 24.24
CA GLU C 63 2.70 34.35 23.48
C GLU C 63 2.28 34.09 22.05
N ASN C 64 1.54 35.04 21.51
CA ASN C 64 1.03 34.98 20.16
C ASN C 64 2.20 35.09 19.18
N GLY C 65 2.35 34.07 18.33
CA GLY C 65 3.47 33.96 17.43
C GLY C 65 4.60 33.09 17.94
N ARG C 66 4.49 32.61 19.18
CA ARG C 66 5.52 31.79 19.78
C ARG C 66 5.02 30.36 19.90
N GLU C 67 4.09 30.09 20.81
CA GLU C 67 3.55 28.75 20.93
C GLU C 67 2.49 28.47 19.88
N TYR C 68 1.71 29.50 19.53
CA TYR C 68 0.60 29.43 18.59
C TYR C 68 0.42 30.79 17.98
N HIS C 69 -0.24 30.82 16.83
CA HIS C 69 -0.89 32.02 16.34
C HIS C 69 -2.32 31.95 16.85
N PHE C 70 -2.70 32.86 17.75
CA PHE C 70 -4.02 32.81 18.37
C PHE C 70 -4.97 33.64 17.53
N VAL C 71 -5.98 33.00 16.94
CA VAL C 71 -6.92 33.67 16.05
C VAL C 71 -8.35 33.34 16.45
N THR C 72 -9.30 34.08 15.87
CA THR C 72 -10.70 33.78 16.08
C THR C 72 -11.13 32.63 15.17
N LYS C 73 -12.29 32.07 15.48
CA LYS C 73 -12.84 31.02 14.64
C LYS C 73 -13.12 31.52 13.23
N GLU C 74 -13.64 32.74 13.09
CA GLU C 74 -13.88 33.26 11.74
C GLU C 74 -12.56 33.42 10.98
N GLU C 75 -11.53 33.92 11.65
CA GLU C 75 -10.22 34.04 11.01
C GLU C 75 -9.67 32.67 10.62
N PHE C 76 -9.85 31.69 11.50
CA PHE C 76 -9.35 30.35 11.22
C PHE C 76 -10.05 29.76 9.99
N MET C 77 -11.38 29.84 9.95
CA MET C 77 -12.11 29.24 8.84
C MET C 77 -11.87 30.00 7.54
N GLU C 78 -11.63 31.31 7.61
CA GLU C 78 -11.22 32.02 6.40
C GLU C 78 -9.90 31.46 5.88
N GLY C 79 -8.94 31.21 6.79
CA GLY C 79 -7.68 30.61 6.36
C GLY C 79 -7.87 29.23 5.77
N VAL C 80 -8.75 28.42 6.37
CA VAL C 80 -9.03 27.10 5.84
C VAL C 80 -9.55 27.22 4.41
N GLY C 81 -10.54 28.08 4.19
CA GLY C 81 -11.12 28.20 2.86
C GLY C 81 -10.15 28.76 1.84
N LYS C 82 -9.18 29.54 2.29
CA LYS C 82 -8.17 30.09 1.40
CA LYS C 82 -8.16 30.09 1.41
C LYS C 82 -7.05 29.11 1.10
N GLY C 83 -7.10 27.90 1.67
CA GLY C 83 -6.09 26.90 1.40
C GLY C 83 -4.81 27.09 2.16
N GLU C 84 -4.83 27.83 3.26
CA GLU C 84 -3.59 28.14 3.96
C GLU C 84 -3.10 26.98 4.82
N PHE C 85 -3.91 25.96 5.08
CA PHE C 85 -3.55 24.92 6.02
C PHE C 85 -3.09 23.64 5.35
N LEU C 86 -1.96 23.11 5.83
CA LEU C 86 -1.56 21.75 5.47
C LEU C 86 -2.50 20.73 6.09
N GLU C 87 -2.85 20.94 7.35
CA GLU C 87 -3.80 20.09 8.05
C GLU C 87 -4.44 20.95 9.13
N TRP C 88 -5.65 20.57 9.53
CA TRP C 88 -6.25 21.21 10.70
C TRP C 88 -7.28 20.25 11.28
N ALA C 89 -7.63 20.46 12.55
CA ALA C 89 -8.67 19.63 13.14
C ALA C 89 -9.27 20.37 14.33
N GLU C 90 -10.38 19.82 14.82
CA GLU C 90 -10.97 20.31 16.06
CA GLU C 90 -10.96 20.32 16.05
C GLU C 90 -10.60 19.36 17.19
N PHE C 91 -10.19 19.93 18.31
CA PHE C 91 -9.81 19.15 19.47
C PHE C 91 -10.34 19.86 20.70
N GLY C 92 -11.10 19.15 21.53
CA GLY C 92 -11.54 19.76 22.78
C GLY C 92 -12.38 21.00 22.59
N GLY C 93 -13.07 21.11 21.44
CA GLY C 93 -13.93 22.25 21.19
C GLY C 93 -13.26 23.44 20.55
N ASN C 94 -11.98 23.35 20.22
CA ASN C 94 -11.26 24.45 19.59
C ASN C 94 -10.59 23.94 18.32
N CYS C 95 -10.25 24.85 17.41
CA CYS C 95 -9.61 24.44 16.17
C CYS C 95 -8.10 24.66 16.26
N TYR C 96 -7.35 23.77 15.63
CA TYR C 96 -5.90 23.83 15.59
C TYR C 96 -5.44 23.44 14.21
N GLY C 97 -4.37 24.04 13.72
CA GLY C 97 -3.87 23.58 12.43
C GLY C 97 -2.51 24.14 12.10
N THR C 98 -1.85 23.45 11.17
CA THR C 98 -0.52 23.81 10.69
C THR C 98 -0.68 24.48 9.32
N THR C 99 -0.31 25.76 9.23
CA THR C 99 -0.29 26.42 7.93
C THR C 99 0.97 26.07 7.16
N PHE C 100 0.86 26.10 5.83
CA PHE C 100 2.05 25.95 5.01
C PHE C 100 3.10 27.00 5.38
N ALA C 101 2.65 28.22 5.64
CA ALA C 101 3.59 29.30 5.92
C ALA C 101 4.37 29.03 7.19
N ALA C 102 3.75 28.38 8.18
CA ALA C 102 4.45 28.08 9.42
C ALA C 102 5.61 27.12 9.18
N LEU C 103 5.46 26.19 8.25
CA LEU C 103 6.58 25.30 7.96
C LEU C 103 7.64 25.98 7.11
N THR C 104 7.23 26.80 6.14
CA THR C 104 8.19 27.53 5.32
C THR C 104 9.13 28.38 6.18
N ALA C 105 8.61 28.92 7.28
CA ALA C 105 9.39 29.80 8.16
C ALA C 105 10.52 29.07 8.85
N LEU C 106 10.53 27.75 8.85
CA LEU C 106 11.49 27.00 9.65
C LEU C 106 12.76 26.68 8.91
N HIS C 107 12.79 26.79 7.59
CA HIS C 107 14.00 26.41 6.85
C HIS C 107 15.18 27.23 7.34
N PRO C 108 16.39 26.65 7.44
CA PRO C 108 16.80 25.29 7.05
C PRO C 108 16.81 24.28 8.20
N ARG C 109 16.16 24.58 9.31
CA ARG C 109 16.16 23.69 10.46
C ARG C 109 15.18 22.53 10.27
N ARG C 110 15.44 21.42 10.97
CA ARG C 110 14.48 20.34 10.93
C ARG C 110 13.18 20.79 11.60
N CYS C 111 12.07 20.52 10.91
CA CYS C 111 10.74 20.91 11.39
CA CYS C 111 10.76 20.91 11.38
C CYS C 111 10.26 19.98 12.48
N ILE C 112 9.70 20.57 13.53
CA ILE C 112 9.06 19.84 14.63
CA ILE C 112 9.05 19.83 14.60
C ILE C 112 7.62 20.31 14.72
N LEU C 113 6.69 19.37 14.67
CA LEU C 113 5.27 19.66 14.77
C LEU C 113 4.71 18.95 15.99
N ASP C 114 3.85 19.64 16.73
CA ASP C 114 3.12 19.10 17.87
C ASP C 114 1.65 19.16 17.45
N ILE C 115 1.08 18.00 17.04
CA ILE C 115 -0.30 17.95 16.54
C ILE C 115 -0.96 16.70 17.11
N GLU C 116 -2.29 16.63 16.95
CA GLU C 116 -3.00 15.48 17.50
C GLU C 116 -3.35 14.47 16.40
N LEU C 117 -4.10 13.43 16.78
CA LEU C 117 -4.28 12.26 15.93
C LEU C 117 -4.95 12.58 14.60
N GLN C 118 -5.99 13.43 14.59
CA GLN C 118 -6.63 13.73 13.32
C GLN C 118 -5.63 14.36 12.35
N GLY C 119 -4.78 15.25 12.85
CA GLY C 119 -3.74 15.82 12.00
C GLY C 119 -2.74 14.78 11.53
N VAL C 120 -2.36 13.86 12.42
CA VAL C 120 -1.47 12.75 12.01
C VAL C 120 -2.09 11.99 10.85
N LEU C 121 -3.37 11.64 10.98
CA LEU C 121 -4.00 10.84 9.91
C LEU C 121 -4.06 11.62 8.61
N GLN C 122 -4.37 12.92 8.68
CA GLN C 122 -4.35 13.74 7.48
C GLN C 122 -2.96 13.74 6.84
N LEU C 123 -1.91 13.93 7.66
CA LEU C 123 -0.55 14.02 7.12
C LEU C 123 -0.10 12.71 6.51
N LYS C 124 -0.50 11.57 7.11
CA LYS C 124 -0.14 10.28 6.53
C LYS C 124 -0.68 10.15 5.11
N ALA C 125 -1.85 10.72 4.86
CA ALA C 125 -2.41 10.70 3.53
C ALA C 125 -1.87 11.83 2.66
N LYS C 126 -1.56 12.98 3.24
CA LYS C 126 -1.23 14.16 2.45
C LYS C 126 0.26 14.29 2.14
N ALA C 127 1.12 13.94 3.10
CA ALA C 127 2.56 14.11 2.90
C ALA C 127 3.07 13.46 1.63
N PRO C 128 2.66 12.22 1.27
CA PRO C 128 3.15 11.63 0.01
C PRO C 128 2.77 12.40 -1.24
N LEU C 129 1.79 13.29 -1.13
CA LEU C 129 1.24 14.03 -2.28
C LEU C 129 1.84 15.41 -2.44
N GLN C 130 2.68 15.85 -1.51
CA GLN C 130 3.37 17.10 -1.68
C GLN C 130 4.41 16.97 -2.80
N THR C 131 4.77 18.11 -3.38
CA THR C 131 5.86 18.14 -4.35
C THR C 131 6.95 19.05 -3.79
N PRO C 132 8.10 18.50 -3.36
CA PRO C 132 8.35 17.06 -3.38
C PRO C 132 7.64 16.36 -2.21
N PRO C 133 7.47 15.05 -2.30
CA PRO C 133 6.83 14.33 -1.18
C PRO C 133 7.59 14.54 0.11
N LEU C 134 6.83 14.67 1.18
CA LEU C 134 7.32 14.82 2.54
C LEU C 134 7.26 13.45 3.20
N GLU C 135 8.27 13.12 4.01
CA GLU C 135 8.34 11.82 4.69
C GLU C 135 8.51 12.07 6.18
N PRO C 136 7.44 12.41 6.87
CA PRO C 136 7.57 12.70 8.30
C PRO C 136 7.92 11.46 9.11
N VAL C 137 8.40 11.72 10.33
CA VAL C 137 8.59 10.72 11.36
C VAL C 137 7.54 10.98 12.41
N PHE C 138 6.76 9.96 12.74
CA PHE C 138 5.66 10.12 13.70
C PHE C 138 6.04 9.50 15.02
N LEU C 139 6.20 10.32 16.04
CA LEU C 139 6.56 9.90 17.39
CA LEU C 139 6.55 9.88 17.38
C LEU C 139 5.34 10.02 18.30
N PHE C 140 5.03 8.95 19.03
CA PHE C 140 3.95 8.97 20.01
C PHE C 140 4.57 9.09 21.39
N LEU C 141 4.13 10.10 22.14
CA LEU C 141 4.58 10.30 23.51
C LEU C 141 3.48 9.81 24.45
N SER C 142 3.82 8.81 25.28
CA SER C 142 2.83 8.16 26.12
C SER C 142 3.00 8.56 27.59
N PRO C 143 1.92 8.72 28.34
CA PRO C 143 2.06 8.78 29.79
C PRO C 143 2.47 7.41 30.31
N PRO C 144 3.05 7.32 31.50
CA PRO C 144 3.37 5.98 32.05
C PRO C 144 2.14 5.25 32.58
N SER C 145 1.06 5.96 32.86
CA SER C 145 -0.16 5.42 33.44
C SER C 145 -1.24 6.46 33.23
N ILE C 146 -2.50 6.00 33.26
CA ILE C 146 -3.62 6.93 33.17
C ILE C 146 -3.67 7.82 34.42
N SER C 147 -3.40 7.24 35.58
CA SER C 147 -3.38 8.04 36.80
CA SER C 147 -3.39 8.04 36.80
C SER C 147 -2.38 9.19 36.69
N GLN C 148 -1.20 8.92 36.13
CA GLN C 148 -0.24 10.01 35.98
C GLN C 148 -0.66 11.00 34.91
N LEU C 149 -1.32 10.54 33.85
CA LEU C 149 -1.86 11.47 32.86
C LEU C 149 -2.84 12.43 33.53
N LYS C 150 -3.77 11.90 34.33
CA LYS C 150 -4.74 12.75 35.00
C LYS C 150 -4.08 13.73 35.96
N SER C 151 -3.07 13.26 36.71
CA SER C 151 -2.47 14.19 37.67
CA SER C 151 -2.41 14.14 37.67
C SER C 151 -1.65 15.25 36.97
N ARG C 152 -1.03 14.93 35.84
CA ARG C 152 -0.29 15.96 35.09
C ARG C 152 -1.24 16.97 34.48
N LEU C 153 -2.35 16.49 33.91
CA LEU C 153 -3.29 17.39 33.26
C LEU C 153 -3.94 18.31 34.30
N SER C 154 -4.37 17.77 35.43
CA SER C 154 -4.93 18.64 36.46
C SER C 154 -3.85 19.52 37.08
N GLY C 155 -2.64 18.98 37.26
CA GLY C 155 -1.55 19.74 37.84
C GLY C 155 -1.16 20.96 37.03
N ARG C 156 -1.27 20.87 35.69
CA ARG C 156 -0.93 22.02 34.87
C ARG C 156 -1.80 23.22 35.21
N GLY C 157 -3.09 22.98 35.51
CA GLY C 157 -3.93 24.01 36.08
C GLY C 157 -4.43 25.06 35.13
N THR C 158 -4.29 24.86 33.82
CA THR C 158 -4.65 25.89 32.85
C THR C 158 -5.99 25.64 32.17
N GLU C 159 -6.64 24.50 32.45
CA GLU C 159 -7.89 24.13 31.77
C GLU C 159 -9.05 24.10 32.74
N THR C 160 -10.23 24.43 32.22
CA THR C 160 -11.44 24.20 33.00
C THR C 160 -11.68 22.70 33.18
N ASP C 161 -12.53 22.38 34.16
CA ASP C 161 -12.93 20.99 34.33
C ASP C 161 -13.59 20.43 33.08
N ALA C 162 -14.40 21.25 32.39
CA ALA C 162 -15.03 20.79 31.16
C ALA C 162 -13.99 20.48 30.10
N SER C 163 -12.96 21.32 29.98
CA SER C 163 -11.90 21.06 29.02
C SER C 163 -11.12 19.81 29.41
N ILE C 164 -10.87 19.61 30.70
CA ILE C 164 -10.15 18.42 31.12
C ILE C 164 -10.92 17.17 30.70
N ARG C 165 -12.24 17.16 30.93
CA ARG C 165 -13.07 16.05 30.51
C ARG C 165 -12.97 15.80 29.01
N LYS C 166 -13.04 16.87 28.21
CA LYS C 166 -12.92 16.69 26.76
C LYS C 166 -11.55 16.13 26.39
N ARG C 167 -10.51 16.55 27.10
CA ARG C 167 -9.17 16.09 26.77
C ARG C 167 -8.96 14.63 27.14
N LEU C 168 -9.48 14.20 28.30
CA LEU C 168 -9.40 12.81 28.68
C LEU C 168 -10.24 11.94 27.74
N ASP C 169 -11.39 12.45 27.30
CA ASP C 169 -12.19 11.70 26.32
C ASP C 169 -11.44 11.53 25.01
N ALA C 170 -10.73 12.57 24.57
CA ALA C 170 -9.95 12.44 23.33
C ALA C 170 -8.83 11.42 23.50
N ALA C 171 -8.31 11.27 24.72
CA ALA C 171 -7.21 10.35 24.95
C ALA C 171 -7.63 8.91 24.66
N LYS C 172 -8.92 8.61 24.81
CA LYS C 172 -9.40 7.25 24.52
CA LYS C 172 -9.40 7.25 24.52
C LYS C 172 -9.07 6.86 23.08
N GLU C 173 -9.46 7.70 22.11
CA GLU C 173 -9.18 7.38 20.71
C GLU C 173 -7.69 7.49 20.41
N GLU C 174 -7.00 8.47 21.01
CA GLU C 174 -5.57 8.60 20.76
C GLU C 174 -4.83 7.35 21.22
N LEU C 175 -5.18 6.81 22.39
CA LEU C 175 -4.49 5.62 22.87
C LEU C 175 -4.94 4.37 22.13
N ARG C 176 -6.21 4.28 21.76
CA ARG C 176 -6.67 3.15 20.94
C ARG C 176 -5.87 3.07 19.66
N TYR C 177 -5.70 4.20 18.97
CA TYR C 177 -4.90 4.19 17.75
C TYR C 177 -3.45 3.86 18.06
N ALA C 178 -2.89 4.44 19.11
CA ALA C 178 -1.48 4.18 19.44
C ALA C 178 -1.22 2.70 19.64
N LYS C 179 -2.17 1.98 20.24
CA LYS C 179 -2.00 0.56 20.51
C LYS C 179 -1.90 -0.27 19.24
N GLU C 180 -2.28 0.28 18.08
CA GLU C 180 -2.17 -0.45 16.83
C GLU C 180 -0.74 -0.55 16.34
N GLY C 181 0.18 0.18 16.95
CA GLY C 181 1.59 0.02 16.64
C GLY C 181 2.05 0.68 15.37
N LYS C 182 1.31 1.68 14.87
CA LYS C 182 1.64 2.28 13.60
C LYS C 182 2.58 3.49 13.71
N TYR C 183 2.81 4.01 14.91
CA TYR C 183 3.77 5.11 15.00
C TYR C 183 5.19 4.59 14.76
N ASP C 184 6.07 5.51 14.34
CA ASP C 184 7.43 5.12 14.03
C ASP C 184 8.25 4.87 15.30
N VAL C 185 8.02 5.64 16.34
CA VAL C 185 8.73 5.50 17.60
C VAL C 185 7.76 5.86 18.70
N TYR C 186 7.85 5.13 19.81
CA TYR C 186 7.08 5.40 21.03
C TYR C 186 8.06 5.76 22.13
N VAL C 187 7.73 6.79 22.89
CA VAL C 187 8.49 7.15 24.08
C VAL C 187 7.52 7.35 25.23
N VAL C 188 7.77 6.66 26.33
CA VAL C 188 7.03 6.89 27.56
C VAL C 188 7.70 8.01 28.33
N ASN C 189 6.93 9.04 28.67
CA ASN C 189 7.46 10.18 29.42
C ASN C 189 7.29 9.87 30.90
N ASP C 190 8.21 9.08 31.41
CA ASP C 190 8.22 8.78 32.85
CA ASP C 190 8.22 8.78 32.84
C ASP C 190 9.19 9.73 33.52
N ASP C 191 10.47 9.36 33.56
CA ASP C 191 11.51 10.25 34.04
C ASP C 191 11.85 11.25 32.93
N LEU C 192 11.80 12.55 33.25
CA LEU C 192 11.93 13.57 32.21
C LEU C 192 13.28 13.51 31.52
N LYS C 193 14.34 13.25 32.28
CA LYS C 193 15.67 13.18 31.70
C LYS C 193 15.79 12.02 30.72
N VAL C 194 15.30 10.86 31.11
CA VAL C 194 15.40 9.67 30.26
C VAL C 194 14.60 9.86 28.98
N ALA C 195 13.36 10.35 29.12
CA ALA C 195 12.53 10.57 27.94
C ALA C 195 13.13 11.66 27.05
N GLY C 196 13.69 12.70 27.67
CA GLY C 196 14.30 13.76 26.89
C GLY C 196 15.48 13.27 26.08
N GLU C 197 16.27 12.35 26.66
CA GLU C 197 17.40 11.81 25.91
C GLU C 197 16.92 10.97 24.73
N LYS C 198 15.79 10.26 24.89
CA LYS C 198 15.26 9.51 23.76
C LYS C 198 14.73 10.46 22.70
N LEU C 199 14.04 11.53 23.12
CA LEU C 199 13.55 12.51 22.17
C LEU C 199 14.71 13.12 21.40
N GLU C 200 15.78 13.48 22.11
CA GLU C 200 16.95 14.06 21.45
C GLU C 200 17.50 13.10 20.38
N LYS C 201 17.61 11.82 20.71
CA LYS C 201 18.13 10.84 19.77
C LYS C 201 17.25 10.75 18.51
N VAL C 202 15.94 10.73 18.70
CA VAL C 202 15.02 10.71 17.56
C VAL C 202 15.12 12.02 16.77
N ALA C 203 15.14 13.16 17.47
CA ALA C 203 15.14 14.44 16.76
C ALA C 203 16.43 14.66 15.99
N MET C 204 17.56 14.21 16.55
CA MET C 204 18.84 14.33 15.87
C MET C 204 19.06 13.23 14.84
N GLY C 205 18.22 12.19 14.85
CA GLY C 205 18.41 11.08 13.94
C GLY C 205 19.66 10.28 14.19
N TRP C 206 20.13 10.26 15.43
CA TRP C 206 21.37 9.57 15.74
C TRP C 206 21.17 8.06 15.62
N GLU C 207 22.25 7.36 15.27
CA GLU C 207 22.18 5.92 15.07
C GLU C 207 21.50 5.23 16.26
N GLY C 208 20.55 4.37 15.94
CA GLY C 208 19.78 3.66 16.94
C GLY C 208 18.48 4.33 17.32
N TRP C 209 18.14 5.46 16.71
CA TRP C 209 16.95 6.18 17.16
C TRP C 209 15.68 5.41 16.88
N LYS C 210 15.64 4.62 15.79
CA LYS C 210 14.41 3.90 15.48
C LYS C 210 14.11 2.84 16.51
N THR C 211 15.16 2.29 17.13
CA THR C 211 15.02 1.22 18.13
C THR C 211 15.31 1.70 19.55
N CYS C 212 15.44 3.01 19.77
CA CYS C 212 15.73 3.54 21.11
C CYS C 212 14.49 3.67 21.97
N GLY C 213 13.32 3.40 21.41
CA GLY C 213 12.07 3.74 22.04
C GLY C 213 11.57 2.66 22.97
N ASP C 214 10.34 2.86 23.40
CA ASP C 214 9.70 2.13 24.46
C ASP C 214 8.54 1.33 23.91
N THR C 215 8.11 0.35 24.70
CA THR C 215 6.86 -0.35 24.46
C THR C 215 5.76 0.40 25.18
N LEU C 216 4.61 0.51 24.54
CA LEU C 216 3.48 1.20 25.16
C LEU C 216 3.12 0.48 26.46
N PRO C 217 2.90 1.21 27.55
CA PRO C 217 2.49 0.56 28.81
C PRO C 217 1.09 -0.03 28.67
N GLU C 218 0.75 -0.88 29.62
CA GLU C 218 -0.57 -1.50 29.60
CA GLU C 218 -0.57 -1.51 29.63
C GLU C 218 -1.52 -0.56 30.34
N LEU C 219 -2.05 0.40 29.57
CA LEU C 219 -2.88 1.48 30.06
C LEU C 219 -4.33 1.02 30.14
N ASN C 220 -4.92 1.17 31.32
CA ASN C 220 -6.31 0.78 31.55
C ASN C 220 -7.20 1.89 31.04
N LEU C 221 -7.71 1.74 29.80
CA LEU C 221 -8.47 2.82 29.18
C LEU C 221 -9.79 3.07 29.90
N ALA C 222 -10.29 2.10 30.65
CA ALA C 222 -11.50 2.32 31.43
C ALA C 222 -11.31 3.42 32.47
N GLU C 223 -10.07 3.65 32.91
CA GLU C 223 -9.83 4.73 33.86
C GLU C 223 -10.04 6.10 33.27
N LEU C 224 -10.17 6.22 31.95
CA LEU C 224 -10.47 7.52 31.37
C LEU C 224 -11.95 7.86 31.48
N ASP C 225 -12.82 6.85 31.42
CA ASP C 225 -14.28 7.00 31.35
C ASP C 225 -14.83 8.00 32.37
N ARG D 11 -19.53 -44.97 -19.41
CA ARG D 11 -18.71 -45.47 -18.31
C ARG D 11 -18.17 -44.31 -17.50
N PRO D 12 -18.39 -44.32 -16.19
CA PRO D 12 -18.01 -43.17 -15.36
C PRO D 12 -16.53 -43.16 -15.01
N ILE D 13 -16.07 -41.97 -14.63
CA ILE D 13 -14.68 -41.81 -14.22
C ILE D 13 -14.42 -42.66 -12.98
N ASN D 14 -13.23 -43.25 -12.92
CA ASN D 14 -12.83 -44.03 -11.75
C ASN D 14 -12.72 -43.13 -10.51
N PRO D 15 -13.50 -43.39 -9.45
CA PRO D 15 -13.36 -42.60 -8.22
C PRO D 15 -11.93 -42.51 -7.70
N ASP D 16 -11.12 -43.54 -7.98
CA ASP D 16 -9.76 -43.59 -7.50
C ASP D 16 -8.81 -42.64 -8.23
N VAL D 17 -9.25 -41.99 -9.30
CA VAL D 17 -8.39 -41.01 -9.96
C VAL D 17 -8.95 -39.60 -9.94
N VAL D 18 -10.18 -39.39 -9.46
CA VAL D 18 -10.80 -38.07 -9.56
C VAL D 18 -9.97 -37.04 -8.82
N ASN D 19 -9.41 -37.40 -7.67
CA ASN D 19 -8.66 -36.45 -6.86
CA ASN D 19 -8.66 -36.47 -6.84
C ASN D 19 -7.15 -36.54 -7.09
N ARG D 20 -6.73 -37.27 -8.13
CA ARG D 20 -5.32 -37.42 -8.50
C ARG D 20 -5.07 -36.57 -9.75
N PRO D 21 -4.48 -35.39 -9.63
CA PRO D 21 -4.33 -34.54 -10.83
C PRO D 21 -3.50 -35.25 -11.88
N LEU D 22 -3.96 -35.16 -13.12
CA LEU D 22 -3.24 -35.75 -14.25
C LEU D 22 -2.33 -34.68 -14.81
N VAL D 23 -1.03 -34.93 -14.77
CA VAL D 23 -0.03 -33.98 -15.21
C VAL D 23 0.53 -34.52 -16.51
N ILE D 24 0.33 -33.78 -17.60
CA ILE D 24 0.83 -34.21 -18.91
CA ILE D 24 0.81 -34.20 -18.92
C ILE D 24 2.03 -33.35 -19.26
N CYS D 25 3.09 -33.99 -19.69
CA CYS D 25 4.26 -33.23 -20.09
CA CYS D 25 4.37 -33.35 -19.97
C CYS D 25 4.88 -33.90 -21.29
N GLY D 26 5.71 -33.13 -21.99
CA GLY D 26 6.38 -33.65 -23.14
C GLY D 26 6.92 -32.50 -23.97
N PRO D 27 7.79 -32.82 -24.92
CA PRO D 27 8.44 -31.77 -25.71
C PRO D 27 7.44 -30.90 -26.44
N SER D 28 7.77 -29.63 -26.55
CA SER D 28 6.91 -28.69 -27.25
C SER D 28 6.71 -29.13 -28.71
N GLY D 29 5.46 -29.14 -29.15
CA GLY D 29 5.13 -29.59 -30.48
C GLY D 29 4.65 -31.03 -30.55
N THR D 30 4.69 -31.77 -29.44
CA THR D 30 4.35 -33.19 -29.50
C THR D 30 2.87 -33.38 -29.78
N GLY D 31 2.04 -32.52 -29.20
CA GLY D 31 0.62 -32.58 -29.43
C GLY D 31 -0.20 -32.59 -28.17
N LYS D 32 0.35 -32.03 -27.07
CA LYS D 32 -0.34 -32.03 -25.78
C LYS D 32 -1.67 -31.31 -25.89
N SER D 33 -1.66 -30.08 -26.42
CA SER D 33 -2.88 -29.30 -26.51
CA SER D 33 -2.89 -29.30 -26.50
C SER D 33 -3.89 -29.97 -27.42
N THR D 34 -3.43 -30.48 -28.55
CA THR D 34 -4.29 -31.16 -29.51
C THR D 34 -4.96 -32.37 -28.89
N LEU D 35 -4.20 -33.19 -28.18
CA LEU D 35 -4.78 -34.39 -27.57
C LEU D 35 -5.75 -34.02 -26.46
N LEU D 36 -5.42 -32.99 -25.65
CA LEU D 36 -6.33 -32.61 -24.58
C LEU D 36 -7.66 -32.16 -25.13
N LYS D 37 -7.65 -31.45 -26.27
CA LYS D 37 -8.92 -31.03 -26.88
C LYS D 37 -9.79 -32.22 -27.23
N THR D 38 -9.20 -33.31 -27.78
CA THR D 38 -9.98 -34.51 -28.06
C THR D 38 -10.58 -35.10 -26.81
N LEU D 39 -9.83 -35.07 -25.71
CA LEU D 39 -10.32 -35.63 -24.45
C LEU D 39 -11.52 -34.85 -23.94
N PHE D 40 -11.41 -33.53 -23.92
CA PHE D 40 -12.51 -32.71 -23.41
CA PHE D 40 -12.51 -32.72 -23.41
C PHE D 40 -13.74 -32.84 -24.30
N GLU D 41 -13.55 -33.04 -25.60
CA GLU D 41 -14.68 -33.26 -26.49
C GLU D 41 -15.32 -34.62 -26.23
N SER D 42 -14.50 -35.65 -25.97
CA SER D 42 -15.00 -37.00 -25.76
CA SER D 42 -15.03 -36.98 -25.77
C SER D 42 -15.67 -37.15 -24.40
N GLN D 43 -15.21 -36.40 -23.40
CA GLN D 43 -15.70 -36.51 -22.03
C GLN D 43 -16.02 -35.13 -21.51
N PRO D 44 -17.06 -34.50 -22.01
CA PRO D 44 -17.39 -33.14 -21.57
C PRO D 44 -17.80 -33.12 -20.10
N ASN D 45 -17.57 -31.98 -19.46
CA ASN D 45 -18.00 -31.75 -18.07
C ASN D 45 -17.42 -32.77 -17.11
N THR D 46 -16.25 -33.32 -17.42
CA THR D 46 -15.59 -34.30 -16.56
C THR D 46 -14.25 -33.84 -16.05
N PHE D 47 -13.51 -33.06 -16.85
CA PHE D 47 -12.16 -32.66 -16.52
C PHE D 47 -12.10 -31.15 -16.41
N GLY D 48 -11.14 -30.69 -15.62
CA GLY D 48 -10.89 -29.27 -15.48
C GLY D 48 -9.49 -29.02 -15.99
N PHE D 49 -9.33 -28.07 -16.90
CA PHE D 49 -8.01 -27.72 -17.38
C PHE D 49 -7.42 -26.59 -16.54
N SER D 50 -6.31 -26.86 -15.85
CA SER D 50 -5.66 -25.83 -15.05
C SER D 50 -5.12 -24.72 -15.96
N VAL D 51 -5.56 -23.49 -15.71
CA VAL D 51 -5.14 -22.34 -16.50
C VAL D 51 -3.92 -21.75 -15.82
N SER D 52 -2.74 -22.05 -16.37
CA SER D 52 -1.46 -21.54 -15.89
C SER D 52 -1.35 -20.05 -16.15
N HIS D 53 -0.47 -19.42 -15.37
CA HIS D 53 0.02 -18.09 -15.74
C HIS D 53 1.25 -18.23 -16.62
N THR D 54 1.39 -17.27 -17.55
CA THR D 54 2.61 -17.21 -18.32
C THR D 54 2.93 -15.77 -18.65
N THR D 55 4.22 -15.51 -18.84
CA THR D 55 4.66 -14.22 -19.32
C THR D 55 4.90 -14.21 -20.84
N ARG D 56 4.74 -15.34 -21.53
CA ARG D 56 4.85 -15.27 -22.98
C ARG D 56 3.60 -14.60 -23.58
N LYS D 57 3.71 -14.21 -24.92
CA LYS D 57 2.58 -13.55 -25.58
C LYS D 57 1.62 -14.59 -26.15
N PRO D 58 0.33 -14.23 -26.24
CA PRO D 58 -0.67 -15.19 -26.74
C PRO D 58 -0.50 -15.51 -28.21
N ARG D 59 -0.90 -16.73 -28.59
CA ARG D 59 -1.03 -17.14 -29.98
C ARG D 59 -2.40 -16.76 -30.52
N PRO D 60 -2.58 -16.75 -31.85
CA PRO D 60 -3.86 -16.28 -32.42
C PRO D 60 -5.08 -17.02 -31.89
N GLY D 61 -4.98 -18.33 -31.67
CA GLY D 61 -6.14 -19.07 -31.20
C GLY D 61 -6.34 -19.04 -29.71
N GLU D 62 -5.53 -18.28 -29.00
CA GLU D 62 -5.52 -18.30 -27.55
C GLU D 62 -6.26 -17.09 -27.00
N GLU D 63 -6.92 -17.28 -25.87
CA GLU D 63 -7.55 -16.18 -25.20
C GLU D 63 -7.08 -16.15 -23.75
N ASN D 64 -6.93 -14.94 -23.24
CA ASN D 64 -6.56 -14.71 -21.85
C ASN D 64 -7.65 -15.24 -20.94
N GLY D 65 -7.27 -16.15 -20.03
CA GLY D 65 -8.18 -16.82 -19.14
C GLY D 65 -8.64 -18.18 -19.63
N ARG D 66 -8.27 -18.56 -20.84
CA ARG D 66 -8.67 -19.86 -21.41
C ARG D 66 -7.47 -20.79 -21.43
N GLU D 67 -6.48 -20.53 -22.29
CA GLU D 67 -5.30 -21.39 -22.33
C GLU D 67 -4.31 -21.01 -21.25
N TYR D 68 -4.20 -19.72 -20.96
CA TYR D 68 -3.30 -19.16 -19.97
C TYR D 68 -3.92 -17.90 -19.41
N HIS D 69 -3.43 -17.51 -18.23
CA HIS D 69 -3.52 -16.13 -17.78
C HIS D 69 -2.24 -15.44 -18.23
N PHE D 70 -2.36 -14.50 -19.16
CA PHE D 70 -1.19 -13.82 -19.71
C PHE D 70 -0.87 -12.58 -18.87
N VAL D 71 0.30 -12.58 -18.22
CA VAL D 71 0.68 -11.50 -17.31
C VAL D 71 2.09 -11.02 -17.64
N THR D 72 2.47 -9.90 -17.06
CA THR D 72 3.82 -9.41 -17.20
C THR D 72 4.74 -10.13 -16.22
N LYS D 73 6.05 -10.00 -16.46
CA LYS D 73 7.03 -10.61 -15.58
C LYS D 73 6.93 -10.03 -14.17
N GLU D 74 6.73 -8.72 -14.06
CA GLU D 74 6.58 -8.11 -12.73
C GLU D 74 5.33 -8.62 -12.02
N GLU D 75 4.21 -8.75 -12.75
CA GLU D 75 3.02 -9.34 -12.14
C GLU D 75 3.28 -10.78 -11.70
N PHE D 76 3.99 -11.54 -12.54
CA PHE D 76 4.28 -12.93 -12.23
C PHE D 76 5.09 -13.04 -10.94
N MET D 77 6.17 -12.24 -10.85
CA MET D 77 7.05 -12.35 -9.69
C MET D 77 6.38 -11.82 -8.43
N GLU D 78 5.49 -10.83 -8.55
CA GLU D 78 4.68 -10.43 -7.39
C GLU D 78 3.85 -11.60 -6.89
N GLY D 79 3.19 -12.31 -7.80
CA GLY D 79 2.42 -13.48 -7.40
C GLY D 79 3.28 -14.55 -6.76
N VAL D 80 4.49 -14.76 -7.28
CA VAL D 80 5.39 -15.74 -6.69
C VAL D 80 5.70 -15.35 -5.25
N GLY D 81 6.08 -14.10 -5.05
CA GLY D 81 6.43 -13.66 -3.71
C GLY D 81 5.26 -13.69 -2.77
N LYS D 82 4.05 -13.53 -3.30
CA LYS D 82 2.86 -13.58 -2.47
CA LYS D 82 2.84 -13.59 -2.48
C LYS D 82 2.42 -15.01 -2.15
N GLY D 83 3.14 -16.03 -2.64
CA GLY D 83 2.79 -17.39 -2.37
C GLY D 83 1.65 -17.92 -3.19
N GLU D 84 1.37 -17.29 -4.33
CA GLU D 84 0.22 -17.71 -5.12
C GLU D 84 0.44 -18.96 -5.95
N PHE D 85 1.69 -19.41 -6.11
CA PHE D 85 1.98 -20.50 -7.05
C PHE D 85 2.24 -21.82 -6.34
N LEU D 86 1.58 -22.86 -6.84
CA LEU D 86 1.95 -24.22 -6.45
C LEU D 86 3.33 -24.57 -6.99
N GLU D 87 3.59 -24.26 -8.25
CA GLU D 87 4.89 -24.46 -8.87
C GLU D 87 5.03 -23.40 -9.95
N TRP D 88 6.26 -23.09 -10.31
CA TRP D 88 6.51 -22.27 -11.48
C TRP D 88 7.91 -22.55 -11.97
N ALA D 89 8.17 -22.20 -13.22
CA ALA D 89 9.53 -22.40 -13.74
C ALA D 89 9.71 -21.51 -14.95
N GLU D 90 10.95 -21.40 -15.41
CA GLU D 90 11.24 -20.67 -16.63
C GLU D 90 11.46 -21.68 -17.77
N PHE D 91 10.86 -21.40 -18.93
CA PHE D 91 10.96 -22.26 -20.09
C PHE D 91 11.08 -21.40 -21.33
N GLY D 92 12.14 -21.60 -22.11
CA GLY D 92 12.29 -20.85 -23.34
C GLY D 92 12.34 -19.35 -23.14
N GLY D 93 12.84 -18.90 -22.00
CA GLY D 93 12.96 -17.48 -21.70
C GLY D 93 11.75 -16.81 -21.13
N ASN D 94 10.66 -17.55 -20.89
CA ASN D 94 9.45 -17.00 -20.31
C ASN D 94 9.10 -17.79 -19.05
N CYS D 95 8.26 -17.20 -18.20
CA CYS D 95 7.87 -17.86 -16.96
C CYS D 95 6.48 -18.47 -17.11
N TYR D 96 6.30 -19.62 -16.47
CA TYR D 96 5.02 -20.34 -16.48
C TYR D 96 4.80 -20.90 -15.09
N GLY D 97 3.54 -20.98 -14.67
CA GLY D 97 3.32 -21.58 -13.36
C GLY D 97 1.86 -21.85 -13.11
N THR D 98 1.63 -22.76 -12.16
CA THR D 98 0.29 -23.15 -11.74
C THR D 98 -0.04 -22.46 -10.42
N THR D 99 -1.06 -21.61 -10.42
CA THR D 99 -1.48 -21.01 -9.15
C THR D 99 -2.41 -21.97 -8.40
N PHE D 100 -2.40 -21.85 -7.07
CA PHE D 100 -3.38 -22.58 -6.28
C PHE D 100 -4.79 -22.24 -6.74
N ALA D 101 -5.05 -20.96 -7.04
CA ALA D 101 -6.40 -20.56 -7.39
C ALA D 101 -6.85 -21.21 -8.69
N ALA D 102 -5.92 -21.46 -9.61
CA ALA D 102 -6.28 -22.12 -10.86
C ALA D 102 -6.75 -23.54 -10.60
N LEU D 103 -6.17 -24.22 -9.61
CA LEU D 103 -6.62 -25.58 -9.31
C LEU D 103 -7.94 -25.55 -8.55
N THR D 104 -8.09 -24.63 -7.60
CA THR D 104 -9.34 -24.51 -6.86
C THR D 104 -10.52 -24.29 -7.78
N ALA D 105 -10.29 -23.57 -8.88
CA ALA D 105 -11.37 -23.27 -9.82
C ALA D 105 -11.92 -24.52 -10.52
N LEU D 106 -11.20 -25.63 -10.47
CA LEU D 106 -11.57 -26.80 -11.24
C LEU D 106 -12.49 -27.76 -10.50
N HIS D 107 -12.56 -27.65 -9.18
CA HIS D 107 -13.36 -28.58 -8.40
C HIS D 107 -14.81 -28.53 -8.88
N PRO D 108 -15.50 -29.69 -8.96
CA PRO D 108 -15.09 -31.03 -8.53
C PRO D 108 -14.55 -31.92 -9.65
N ARG D 109 -14.18 -31.35 -10.78
CA ARG D 109 -13.70 -32.18 -11.89
C ARG D 109 -12.26 -32.64 -11.64
N ARG D 110 -11.87 -33.72 -12.33
CA ARG D 110 -10.48 -34.13 -12.21
C ARG D 110 -9.59 -33.08 -12.86
N CYS D 111 -8.56 -32.69 -12.13
CA CYS D 111 -7.64 -31.65 -12.59
CA CYS D 111 -7.65 -31.66 -12.58
C CYS D 111 -6.67 -32.19 -13.61
N ILE D 112 -6.45 -31.43 -14.68
CA ILE D 112 -5.46 -31.74 -15.70
CA ILE D 112 -5.47 -31.73 -15.72
C ILE D 112 -4.52 -30.56 -15.82
N LEU D 113 -3.22 -30.84 -15.72
CA LEU D 113 -2.18 -29.83 -15.81
C LEU D 113 -1.28 -30.15 -16.98
N ASP D 114 -0.90 -29.12 -17.73
CA ASP D 114 0.05 -29.23 -18.83
C ASP D 114 1.25 -28.39 -18.39
N ILE D 115 2.32 -29.05 -17.93
CA ILE D 115 3.50 -28.37 -17.37
C ILE D 115 4.76 -29.06 -17.87
N GLU D 116 5.91 -28.42 -17.64
CA GLU D 116 7.17 -29.00 -18.11
C GLU D 116 7.96 -29.63 -16.95
N LEU D 117 9.17 -30.11 -17.27
CA LEU D 117 9.91 -31.00 -16.37
C LEU D 117 10.24 -30.34 -15.03
N GLN D 118 10.65 -29.07 -15.02
CA GLN D 118 10.96 -28.46 -13.74
C GLN D 118 9.74 -28.45 -12.84
N GLY D 119 8.56 -28.15 -13.41
CA GLY D 119 7.33 -28.23 -12.63
C GLY D 119 7.04 -29.64 -12.13
N VAL D 120 7.25 -30.64 -13.00
CA VAL D 120 7.09 -32.03 -12.58
C VAL D 120 7.96 -32.33 -11.37
N LEU D 121 9.23 -31.93 -11.42
CA LEU D 121 10.14 -32.22 -10.31
C LEU D 121 9.69 -31.52 -9.04
N GLN D 122 9.25 -30.26 -9.14
CA GLN D 122 8.73 -29.57 -7.98
C GLN D 122 7.52 -30.31 -7.40
N LEU D 123 6.59 -30.72 -8.26
CA LEU D 123 5.37 -31.37 -7.78
C LEU D 123 5.66 -32.72 -7.15
N LYS D 124 6.64 -33.47 -7.68
CA LYS D 124 6.99 -34.73 -7.03
C LYS D 124 7.44 -34.51 -5.59
N ALA D 125 8.10 -33.38 -5.30
CA ALA D 125 8.51 -33.07 -3.93
C ALA D 125 7.39 -32.45 -3.12
N LYS D 126 6.55 -31.62 -3.75
CA LYS D 126 5.59 -30.78 -3.03
C LYS D 126 4.26 -31.49 -2.79
N ALA D 127 3.81 -32.27 -3.77
CA ALA D 127 2.50 -32.92 -3.64
C ALA D 127 2.34 -33.75 -2.36
N PRO D 128 3.30 -34.58 -1.95
CA PRO D 128 3.14 -35.33 -0.69
C PRO D 128 3.02 -34.44 0.53
N LEU D 129 3.48 -33.21 0.44
CA LEU D 129 3.50 -32.28 1.57
C LEU D 129 2.24 -31.43 1.66
N GLN D 130 1.33 -31.57 0.70
CA GLN D 130 0.06 -30.85 0.78
C GLN D 130 -0.83 -31.46 1.86
N THR D 131 -1.82 -30.68 2.29
CA THR D 131 -2.84 -31.15 3.23
C THR D 131 -4.20 -31.04 2.56
N PRO D 132 -4.84 -32.17 2.18
CA PRO D 132 -4.31 -33.52 2.30
C PRO D 132 -3.24 -33.78 1.24
N PRO D 133 -2.44 -34.83 1.40
CA PRO D 133 -1.44 -35.15 0.38
C PRO D 133 -2.09 -35.32 -0.99
N LEU D 134 -1.46 -34.73 -1.99
CA LEU D 134 -1.86 -34.86 -3.38
C LEU D 134 -1.05 -35.98 -4.01
N GLU D 135 -1.70 -36.80 -4.85
CA GLU D 135 -1.01 -37.91 -5.52
C GLU D 135 -1.22 -37.79 -7.03
N PRO D 136 -0.44 -36.95 -7.69
CA PRO D 136 -0.62 -36.80 -9.14
C PRO D 136 -0.25 -38.07 -9.89
N VAL D 137 -0.77 -38.15 -11.10
CA VAL D 137 -0.35 -39.12 -12.11
C VAL D 137 0.45 -38.35 -13.15
N PHE D 138 1.68 -38.79 -13.43
CA PHE D 138 2.54 -38.08 -14.39
C PHE D 138 2.57 -38.87 -15.70
N LEU D 139 2.02 -38.26 -16.76
CA LEU D 139 1.98 -38.87 -18.08
CA LEU D 139 1.96 -38.86 -18.09
C LEU D 139 2.96 -38.14 -19.00
N PHE D 140 3.81 -38.91 -19.68
CA PHE D 140 4.74 -38.33 -20.65
C PHE D 140 4.21 -38.59 -22.04
N LEU D 141 4.02 -37.54 -22.82
CA LEU D 141 3.56 -37.64 -24.19
C LEU D 141 4.77 -37.48 -25.10
N SER D 142 5.06 -38.51 -25.91
CA SER D 142 6.27 -38.54 -26.72
C SER D 142 5.94 -38.35 -28.19
N PRO D 143 6.77 -37.65 -28.94
CA PRO D 143 6.65 -37.72 -30.40
C PRO D 143 7.08 -39.09 -30.88
N PRO D 144 6.65 -39.51 -32.08
CA PRO D 144 7.11 -40.83 -32.59
C PRO D 144 8.54 -40.79 -33.08
N SER D 145 9.06 -39.60 -33.36
CA SER D 145 10.39 -39.41 -33.87
C SER D 145 10.74 -37.96 -33.68
N ILE D 146 12.04 -37.66 -33.67
CA ILE D 146 12.48 -36.27 -33.62
C ILE D 146 12.07 -35.53 -34.89
N SER D 147 12.17 -36.20 -36.04
CA SER D 147 11.78 -35.57 -37.29
CA SER D 147 11.78 -35.57 -37.29
C SER D 147 10.31 -35.14 -37.25
N GLN D 148 9.45 -35.99 -36.68
CA GLN D 148 8.04 -35.62 -36.61
C GLN D 148 7.83 -34.52 -35.59
N LEU D 149 8.62 -34.50 -34.52
CA LEU D 149 8.53 -33.40 -33.56
C LEU D 149 8.83 -32.07 -34.25
N LYS D 150 9.88 -32.04 -35.07
CA LYS D 150 10.27 -30.79 -35.73
C LYS D 150 9.21 -30.37 -36.74
N SER D 151 8.65 -31.32 -37.48
CA SER D 151 7.64 -30.97 -38.47
CA SER D 151 7.63 -30.99 -38.46
C SER D 151 6.38 -30.43 -37.80
N ARG D 152 6.01 -30.99 -36.64
CA ARG D 152 4.84 -30.48 -35.93
C ARG D 152 5.11 -29.11 -35.33
N LEU D 153 6.29 -28.92 -34.73
CA LEU D 153 6.59 -27.65 -34.08
C LEU D 153 6.67 -26.53 -35.10
N SER D 154 7.37 -26.75 -36.21
CA SER D 154 7.41 -25.73 -37.25
C SER D 154 6.06 -25.60 -37.95
N GLY D 155 5.35 -26.72 -38.13
CA GLY D 155 4.08 -26.68 -38.81
C GLY D 155 3.02 -25.86 -38.09
N ARG D 156 3.11 -25.81 -36.75
CA ARG D 156 2.13 -25.04 -35.98
C ARG D 156 2.18 -23.58 -36.35
N GLY D 157 3.38 -23.06 -36.66
CA GLY D 157 3.50 -21.76 -37.26
C GLY D 157 3.38 -20.58 -36.32
N THR D 158 3.46 -20.80 -35.02
CA THR D 158 3.24 -19.74 -34.04
C THR D 158 4.50 -19.25 -33.37
N GLU D 159 5.64 -19.90 -33.57
CA GLU D 159 6.87 -19.57 -32.86
C GLU D 159 7.90 -18.96 -33.78
N THR D 160 8.72 -18.07 -33.22
CA THR D 160 9.87 -17.58 -33.95
C THR D 160 10.94 -18.65 -34.05
N ASP D 161 11.88 -18.45 -34.98
CA ASP D 161 13.00 -19.38 -35.09
C ASP D 161 13.77 -19.47 -33.76
N ALA D 162 13.96 -18.33 -33.09
CA ALA D 162 14.65 -18.35 -31.81
C ALA D 162 13.91 -19.19 -30.78
N SER D 163 12.58 -19.08 -30.75
CA SER D 163 11.79 -19.86 -29.80
C SER D 163 11.84 -21.34 -30.13
N ILE D 164 11.83 -21.68 -31.42
CA ILE D 164 11.89 -23.10 -31.79
C ILE D 164 13.22 -23.71 -31.33
N ARG D 165 14.32 -22.97 -31.52
CA ARG D 165 15.61 -23.46 -31.03
C ARG D 165 15.58 -23.71 -29.53
N LYS D 166 15.02 -22.77 -28.75
CA LYS D 166 14.97 -22.97 -27.31
C LYS D 166 14.10 -24.16 -26.96
N ARG D 167 13.02 -24.37 -27.72
CA ARG D 167 12.12 -25.47 -27.41
C ARG D 167 12.76 -26.81 -27.73
N LEU D 168 13.46 -26.90 -28.87
CA LEU D 168 14.18 -28.13 -29.20
C LEU D 168 15.32 -28.39 -28.23
N ASP D 169 16.01 -27.34 -27.78
CA ASP D 169 17.05 -27.53 -26.77
C ASP D 169 16.46 -28.07 -25.46
N ALA D 170 15.31 -27.55 -25.06
CA ALA D 170 14.67 -28.05 -23.85
C ALA D 170 14.27 -29.50 -23.99
N ALA D 171 13.89 -29.91 -25.20
CA ALA D 171 13.48 -31.28 -25.43
C ALA D 171 14.61 -32.27 -25.12
N LYS D 172 15.86 -31.83 -25.17
CA LYS D 172 16.96 -32.74 -24.87
C LYS D 172 16.86 -33.20 -23.42
N GLU D 173 16.68 -32.26 -22.50
CA GLU D 173 16.62 -32.62 -21.09
C GLU D 173 15.31 -33.30 -20.77
N GLU D 174 14.23 -32.87 -21.41
CA GLU D 174 12.94 -33.50 -21.19
C GLU D 174 12.98 -34.97 -21.60
N LEU D 175 13.56 -35.27 -22.77
CA LEU D 175 13.62 -36.64 -23.23
C LEU D 175 14.65 -37.44 -22.42
N ARG D 176 15.76 -36.83 -22.04
CA ARG D 176 16.74 -37.51 -21.21
C ARG D 176 16.10 -37.98 -19.92
N TYR D 177 15.32 -37.11 -19.27
CA TYR D 177 14.64 -37.53 -18.06
C TYR D 177 13.60 -38.61 -18.36
N ALA D 178 12.85 -38.47 -19.45
CA ALA D 178 11.83 -39.44 -19.80
C ALA D 178 12.41 -40.83 -19.96
N LYS D 179 13.63 -40.92 -20.52
CA LYS D 179 14.26 -42.21 -20.76
C LYS D 179 14.60 -42.94 -19.48
N GLU D 180 14.62 -42.23 -18.34
CA GLU D 180 14.89 -42.88 -17.05
C GLU D 180 13.73 -43.72 -16.55
N GLY D 181 12.55 -43.60 -17.18
CA GLY D 181 11.46 -44.51 -16.88
C GLY D 181 10.63 -44.15 -15.67
N LYS D 182 10.73 -42.91 -15.18
CA LYS D 182 10.10 -42.55 -13.92
C LYS D 182 8.68 -42.04 -14.07
N TYR D 183 8.23 -41.72 -15.29
CA TYR D 183 6.84 -41.33 -15.46
C TYR D 183 5.92 -42.53 -15.23
N ASP D 184 4.67 -42.22 -14.87
CA ASP D 184 3.71 -43.27 -14.55
C ASP D 184 3.20 -43.96 -15.80
N VAL D 185 2.95 -43.19 -16.86
CA VAL D 185 2.48 -43.72 -18.14
C VAL D 185 3.18 -42.96 -19.25
N TYR D 186 3.55 -43.67 -20.32
CA TYR D 186 4.08 -43.08 -21.55
C TYR D 186 3.10 -43.31 -22.68
N VAL D 187 2.83 -42.26 -23.47
CA VAL D 187 2.00 -42.39 -24.67
C VAL D 187 2.74 -41.74 -25.83
N VAL D 188 2.90 -42.48 -26.93
CA VAL D 188 3.46 -41.93 -28.16
C VAL D 188 2.32 -41.38 -29.00
N ASN D 189 2.40 -40.09 -29.34
CA ASN D 189 1.36 -39.45 -30.15
C ASN D 189 1.73 -39.62 -31.62
N ASP D 190 1.42 -40.80 -32.16
CA ASP D 190 1.57 -41.04 -33.59
C ASP D 190 0.23 -40.79 -34.29
N ASP D 191 -0.62 -41.80 -34.32
CA ASP D 191 -1.99 -41.63 -34.80
C ASP D 191 -2.81 -40.94 -33.71
N LEU D 192 -3.49 -39.86 -34.06
CA LEU D 192 -4.16 -39.06 -33.05
C LEU D 192 -5.26 -39.85 -32.33
N LYS D 193 -6.00 -40.67 -33.07
CA LYS D 193 -7.10 -41.42 -32.46
C LYS D 193 -6.59 -42.47 -31.48
N VAL D 194 -5.57 -43.23 -31.88
CA VAL D 194 -4.98 -44.23 -30.98
C VAL D 194 -4.43 -43.57 -29.72
N ALA D 195 -3.69 -42.47 -29.88
CA ALA D 195 -3.16 -41.79 -28.72
C ALA D 195 -4.27 -41.23 -27.85
N GLY D 196 -5.32 -40.69 -28.49
CA GLY D 196 -6.42 -40.11 -27.74
C GLY D 196 -7.16 -41.16 -26.92
N GLU D 197 -7.31 -42.36 -27.48
CA GLU D 197 -7.94 -43.45 -26.73
C GLU D 197 -7.12 -43.80 -25.49
N LYS D 198 -5.79 -43.78 -25.60
CA LYS D 198 -4.99 -44.07 -24.42
C LYS D 198 -5.09 -42.95 -23.40
N LEU D 199 -5.04 -41.70 -23.87
CA LEU D 199 -5.20 -40.58 -22.96
C LEU D 199 -6.53 -40.66 -22.24
N GLU D 200 -7.59 -41.02 -22.97
CA GLU D 200 -8.92 -41.12 -22.36
C GLU D 200 -8.93 -42.20 -21.29
N LYS D 201 -8.30 -43.34 -21.56
CA LYS D 201 -8.20 -44.41 -20.57
C LYS D 201 -7.48 -43.94 -19.31
N VAL D 202 -6.32 -43.29 -19.48
CA VAL D 202 -5.57 -42.75 -18.35
C VAL D 202 -6.39 -41.69 -17.62
N ALA D 203 -7.00 -40.75 -18.36
CA ALA D 203 -7.71 -39.66 -17.70
C ALA D 203 -8.95 -40.14 -16.97
N MET D 204 -9.64 -41.15 -17.53
CA MET D 204 -10.81 -41.70 -16.85
C MET D 204 -10.44 -42.72 -15.79
N GLY D 205 -9.19 -43.16 -15.76
CA GLY D 205 -8.76 -44.18 -14.80
C GLY D 205 -9.39 -45.52 -15.04
N TRP D 206 -9.75 -45.82 -16.28
CA TRP D 206 -10.43 -47.08 -16.54
C TRP D 206 -9.46 -48.26 -16.36
N GLU D 207 -10.00 -49.41 -15.98
CA GLU D 207 -9.18 -50.59 -15.73
C GLU D 207 -8.27 -50.88 -16.91
N GLY D 208 -7.00 -51.06 -16.61
CA GLY D 208 -5.97 -51.26 -17.61
C GLY D 208 -5.20 -50.00 -17.96
N TRP D 209 -5.56 -48.85 -17.40
CA TRP D 209 -4.87 -47.62 -17.80
C TRP D 209 -3.39 -47.64 -17.47
N LYS D 210 -3.00 -48.30 -16.37
CA LYS D 210 -1.60 -48.23 -15.98
C LYS D 210 -0.71 -48.97 -16.96
N THR D 211 -1.27 -49.98 -17.63
CA THR D 211 -0.52 -50.82 -18.56
C THR D 211 -0.91 -50.58 -20.01
N CYS D 212 -1.64 -49.49 -20.30
CA CYS D 212 -2.12 -49.21 -21.65
C CYS D 212 -1.12 -48.43 -22.47
N GLY D 213 0.03 -48.10 -21.90
CA GLY D 213 0.94 -47.16 -22.49
C GLY D 213 1.91 -47.81 -23.47
N ASP D 214 2.82 -46.97 -23.95
CA ASP D 214 3.73 -47.29 -25.03
C ASP D 214 5.17 -47.35 -24.52
N THR D 215 6.00 -48.04 -25.30
CA THR D 215 7.45 -47.95 -25.12
C THR D 215 7.95 -46.67 -25.77
N LEU D 216 8.84 -45.97 -25.07
CA LEU D 216 9.46 -44.78 -25.66
C LEU D 216 10.23 -45.16 -26.92
N PRO D 217 10.06 -44.44 -28.03
CA PRO D 217 10.79 -44.78 -29.25
C PRO D 217 12.28 -44.55 -29.06
N GLU D 218 13.07 -45.02 -30.03
CA GLU D 218 14.52 -44.81 -30.00
CA GLU D 218 14.52 -44.82 -30.01
C GLU D 218 14.80 -43.45 -30.64
N LEU D 219 14.72 -42.42 -29.81
CA LEU D 219 14.93 -41.04 -30.24
C LEU D 219 16.39 -40.67 -30.04
N ASN D 220 17.14 -40.57 -31.13
CA ASN D 220 18.52 -40.10 -31.04
C ASN D 220 18.49 -38.59 -30.80
N LEU D 221 18.91 -38.16 -29.61
CA LEU D 221 18.79 -36.76 -29.24
C LEU D 221 19.72 -35.86 -30.03
N ALA D 222 20.74 -36.42 -30.70
CA ALA D 222 21.63 -35.58 -31.50
C ALA D 222 20.91 -34.89 -32.64
N GLU D 223 19.75 -35.40 -33.06
CA GLU D 223 18.95 -34.74 -34.08
C GLU D 223 18.32 -33.45 -33.58
N LEU D 224 18.30 -33.21 -32.28
CA LEU D 224 17.78 -31.95 -31.75
C LEU D 224 18.77 -30.81 -31.90
N ASP D 225 20.04 -31.10 -32.12
CA ASP D 225 21.03 -30.05 -32.37
C ASP D 225 20.73 -29.35 -33.68
#